data_3N2S
#
_entry.id   3N2S
#
_cell.length_a   52.550
_cell.length_b   54.810
_cell.length_c   90.500
_cell.angle_alpha   87.68
_cell.angle_beta   87.64
_cell.angle_gamma   65.14
#
_symmetry.space_group_name_H-M   'P 1'
#
loop_
_entity.id
_entity.type
_entity.pdbx_description
1 polymer 'NADPH-dependent nitro/flavin reductase'
2 non-polymer 'FLAVIN MONONUCLEOTIDE'
3 non-polymer 'CHLORIDE ION'
4 water water
#
_entity_poly.entity_id   1
_entity_poly.type   'polypeptide(L)'
_entity_poly.pdbx_seq_one_letter_code
;(MSE)NNTIETILNHRSIRSFTDQLLTAEEIDTLVKSAQAASTSSYVQAYSIIGVSDPEKKRELSVLAGNQPYVEKNGHF
FVFCADLYRHQQLAEEKGEHISELLENTE(MSE)F(MSE)VSLIDAALAAQN(MSE)SIAAES(MSE)GLGICYIGGIRN
ELDKVTEVLQTPDHVLPLFGLAVGHPANLSGKKPRLPKQAVYHENTYNVNTDDFRHT(MSE)NTYDKTISDYYRERTNGK
REETWSDQILNF(MSE)KQKPRTYLNDYVKEKGFNKN
;
_entity_poly.pdbx_strand_id   A,B,C,D
#
# COMPACT_ATOMS: atom_id res chain seq x y z
N ASN A 2 2.16 4.67 36.14
CA ASN A 2 3.53 4.55 35.66
C ASN A 2 3.63 4.69 34.12
N ASN A 3 4.86 4.84 33.57
CA ASN A 3 5.18 5.02 32.14
C ASN A 3 4.70 3.87 31.22
N THR A 4 4.78 2.61 31.70
CA THR A 4 4.39 1.41 30.94
C THR A 4 2.89 1.42 30.69
N ILE A 5 2.09 1.64 31.75
CA ILE A 5 0.64 1.71 31.63
C ILE A 5 0.24 2.89 30.75
N GLU A 6 0.96 4.04 30.87
CA GLU A 6 0.66 5.19 30.00
C GLU A 6 0.89 4.83 28.54
N THR A 7 2.00 4.13 28.23
CA THR A 7 2.30 3.67 26.86
C THR A 7 1.19 2.71 26.38
N ILE A 8 0.82 1.73 27.21
CA ILE A 8 -0.24 0.77 26.86
C ILE A 8 -1.53 1.50 26.51
N LEU A 9 -1.97 2.42 27.41
CA LEU A 9 -3.24 3.15 27.20
C LEU A 9 -3.18 4.18 26.05
N ASN A 10 -1.98 4.62 25.65
CA ASN A 10 -1.79 5.59 24.56
C ASN A 10 -1.87 4.94 23.16
N HIS A 11 -1.92 3.59 23.10
CA HIS A 11 -1.92 2.89 21.81
C HIS A 11 -2.95 3.35 20.79
N ARG A 12 -2.49 3.44 19.53
CA ARG A 12 -3.28 3.59 18.30
C ARG A 12 -2.47 2.95 17.20
N SER A 13 -3.18 2.35 16.21
CA SER A 13 -2.54 1.73 15.05
C SER A 13 -1.92 2.84 14.20
N ILE A 14 -0.69 2.65 13.75
CA ILE A 14 -0.02 3.63 12.90
C ILE A 14 0.05 3.04 11.50
N ARG A 15 -0.49 3.78 10.53
CA ARG A 15 -0.53 3.30 9.16
C ARG A 15 0.25 4.20 8.21
N SER A 16 1.06 5.11 8.77
CA SER A 16 1.90 6.01 7.99
C SER A 16 3.25 6.08 8.65
N PHE A 17 4.25 5.53 7.99
CA PHE A 17 5.61 5.46 8.52
C PHE A 17 6.61 6.16 7.64
N THR A 18 7.76 6.56 8.21
CA THR A 18 8.85 7.16 7.42
C THR A 18 9.60 5.97 6.78
N ASP A 19 10.55 6.26 5.87
CA ASP A 19 11.34 5.21 5.21
C ASP A 19 12.51 4.71 6.09
N GLN A 20 12.66 5.24 7.32
CA GLN A 20 13.75 4.85 8.23
C GLN A 20 13.59 3.41 8.70
N LEU A 21 14.54 2.55 8.33
CA LEU A 21 14.48 1.14 8.71
C LEU A 21 14.84 0.94 10.18
N LEU A 22 14.32 -0.14 10.79
CA LEU A 22 14.68 -0.49 12.16
C LEU A 22 16.13 -0.96 12.12
N THR A 23 16.88 -0.68 13.18
CA THR A 23 18.26 -1.12 13.28
C THR A 23 18.27 -2.61 13.70
N ALA A 24 19.42 -3.28 13.56
CA ALA A 24 19.55 -4.68 13.98
C ALA A 24 19.36 -4.80 15.50
N GLU A 25 19.78 -3.77 16.26
CA GLU A 25 19.63 -3.69 17.72
C GLU A 25 18.13 -3.59 18.11
N GLU A 26 17.36 -2.72 17.40
CA GLU A 26 15.92 -2.56 17.63
C GLU A 26 15.18 -3.86 17.35
N ILE A 27 15.50 -4.54 16.21
CA ILE A 27 14.89 -5.82 15.80
C ILE A 27 15.21 -6.88 16.87
N ASP A 28 16.49 -6.92 17.31
CA ASP A 28 16.91 -7.85 18.36
C ASP A 28 16.08 -7.68 19.64
N THR A 29 15.92 -6.43 20.10
CA THR A 29 15.16 -6.08 21.32
C THR A 29 13.69 -6.50 21.17
N LEU A 30 13.08 -6.21 19.99
CA LEU A 30 11.70 -6.56 19.68
C LEU A 30 11.47 -8.07 19.73
N VAL A 31 12.37 -8.85 19.12
CA VAL A 31 12.32 -10.32 19.12
C VAL A 31 12.46 -10.88 20.55
N LYS A 32 13.47 -10.44 21.30
CA LYS A 32 13.68 -10.86 22.70
C LYS A 32 12.45 -10.53 23.55
N SER A 33 11.87 -9.34 23.34
CA SER A 33 10.68 -8.91 24.08
C SER A 33 9.51 -9.85 23.80
N ALA A 34 9.30 -10.20 22.53
CA ALA A 34 8.27 -11.14 22.07
C ALA A 34 8.48 -12.48 22.77
N GLN A 35 9.73 -13.02 22.73
CA GLN A 35 10.05 -14.32 23.33
C GLN A 35 9.80 -14.38 24.83
N ALA A 36 9.92 -13.25 25.54
CA ALA A 36 9.77 -13.16 27.00
C ALA A 36 8.35 -13.43 27.50
N ALA A 37 7.35 -13.44 26.58
CA ALA A 37 5.96 -13.69 26.96
C ALA A 37 5.80 -15.09 27.54
N SER A 38 4.80 -15.28 28.41
CA SER A 38 4.43 -16.60 28.94
C SER A 38 4.11 -17.51 27.74
N THR A 39 4.27 -18.81 27.94
CA THR A 39 4.06 -19.81 26.91
C THR A 39 3.50 -21.10 27.53
N SER A 40 2.37 -21.60 27.00
CA SER A 40 1.69 -22.82 27.52
C SER A 40 2.67 -23.99 27.54
N SER A 41 2.85 -24.61 28.73
CA SER A 41 3.73 -25.74 28.96
C SER A 41 5.14 -25.57 28.41
N TYR A 42 5.62 -24.29 28.32
CA TYR A 42 6.98 -23.93 27.85
C TYR A 42 7.20 -24.30 26.37
N VAL A 43 6.13 -24.60 25.63
CA VAL A 43 6.22 -25.07 24.23
C VAL A 43 6.73 -24.05 23.22
N GLN A 44 6.51 -22.74 23.48
CA GLN A 44 6.94 -21.63 22.60
C GLN A 44 6.54 -21.96 21.15
N ALA A 45 5.25 -22.23 20.95
CA ALA A 45 4.69 -22.74 19.68
C ALA A 45 4.49 -21.67 18.59
N TYR A 46 5.55 -20.91 18.30
CA TYR A 46 5.48 -19.86 17.29
C TYR A 46 6.82 -19.61 16.61
N SER A 47 6.77 -18.90 15.49
CA SER A 47 7.91 -18.41 14.74
C SER A 47 7.60 -17.02 14.26
N ILE A 48 8.65 -16.21 14.09
CA ILE A 48 8.54 -14.83 13.64
C ILE A 48 9.38 -14.69 12.38
N ILE A 49 8.76 -14.31 11.28
CA ILE A 49 9.53 -14.13 10.04
C ILE A 49 9.67 -12.63 9.79
N GLY A 50 10.91 -12.14 9.81
CA GLY A 50 11.21 -10.74 9.55
C GLY A 50 11.37 -10.52 8.06
N VAL A 51 10.43 -9.78 7.45
CA VAL A 51 10.41 -9.55 6.00
C VAL A 51 10.98 -8.18 5.65
N SER A 52 12.18 -8.19 5.01
CA SER A 52 12.86 -6.98 4.57
C SER A 52 13.04 -6.98 3.03
N ASP A 53 12.89 -8.14 2.37
CA ASP A 53 13.01 -8.26 0.91
C ASP A 53 11.88 -7.44 0.23
N PRO A 54 12.24 -6.36 -0.53
CA PRO A 54 11.22 -5.52 -1.19
C PRO A 54 10.15 -6.28 -1.97
N GLU A 55 10.55 -7.31 -2.73
CA GLU A 55 9.57 -8.11 -3.50
C GLU A 55 8.61 -8.85 -2.61
N LYS A 56 9.10 -9.46 -1.52
CA LYS A 56 8.21 -10.18 -0.58
C LYS A 56 7.28 -9.23 0.19
N LYS A 57 7.79 -8.06 0.63
CA LYS A 57 6.97 -7.07 1.34
C LYS A 57 5.84 -6.60 0.42
N ARG A 58 6.16 -6.39 -0.88
CA ARG A 58 5.19 -5.98 -1.90
C ARG A 58 4.13 -7.04 -2.09
N GLU A 59 4.53 -8.31 -2.30
CA GLU A 59 3.58 -9.40 -2.49
C GLU A 59 2.63 -9.50 -1.31
N LEU A 60 3.16 -9.46 -0.09
CA LEU A 60 2.35 -9.55 1.13
C LEU A 60 1.37 -8.39 1.23
N SER A 61 1.81 -7.17 0.85
CA SER A 61 0.94 -6.00 0.85
C SER A 61 -0.27 -6.27 -0.07
N VAL A 62 -0.01 -6.79 -1.29
CA VAL A 62 -1.06 -7.09 -2.28
C VAL A 62 -1.99 -8.15 -1.73
N LEU A 63 -1.43 -9.27 -1.25
CA LEU A 63 -2.22 -10.37 -0.67
C LEU A 63 -3.06 -9.88 0.50
N ALA A 64 -2.55 -8.91 1.28
CA ALA A 64 -3.26 -8.35 2.45
C ALA A 64 -4.42 -7.38 2.07
N GLY A 65 -4.58 -7.15 0.78
CA GLY A 65 -5.61 -6.28 0.23
C GLY A 65 -5.11 -4.88 -0.10
N ASN A 66 -3.85 -4.77 -0.53
CA ASN A 66 -3.18 -3.49 -0.87
C ASN A 66 -3.07 -2.55 0.32
N GLN A 67 -2.23 -2.93 1.27
CA GLN A 67 -2.02 -2.16 2.47
C GLN A 67 -0.60 -1.61 2.37
N PRO A 68 -0.43 -0.33 1.98
CA PRO A 68 0.93 0.21 1.72
C PRO A 68 1.90 0.25 2.88
N TYR A 69 1.38 0.31 4.11
CA TYR A 69 2.13 0.31 5.35
C TYR A 69 2.74 -1.08 5.67
N VAL A 70 2.51 -2.07 4.80
CA VAL A 70 3.13 -3.40 4.87
C VAL A 70 4.48 -3.27 4.13
N GLU A 71 4.51 -2.49 3.02
CA GLU A 71 5.76 -2.27 2.25
C GLU A 71 6.57 -1.17 2.88
N LYS A 72 5.91 -0.02 3.18
CA LYS A 72 6.58 1.17 3.72
C LYS A 72 6.50 1.19 5.22
N ASN A 73 7.57 0.69 5.86
CA ASN A 73 7.70 0.63 7.33
C ASN A 73 9.19 0.41 7.69
N GLY A 74 9.50 0.29 8.96
CA GLY A 74 10.86 0.06 9.44
C GLY A 74 11.28 -1.40 9.34
N HIS A 75 10.28 -2.32 9.42
CA HIS A 75 10.42 -3.78 9.30
C HIS A 75 9.03 -4.40 9.30
N PHE A 76 8.86 -5.52 8.58
CA PHE A 76 7.58 -6.24 8.59
C PHE A 76 7.77 -7.62 9.18
N PHE A 77 7.13 -7.90 10.32
CA PHE A 77 7.20 -9.18 11.00
C PHE A 77 5.98 -10.02 10.69
N VAL A 78 6.16 -11.32 10.45
CA VAL A 78 5.01 -12.22 10.25
C VAL A 78 5.01 -13.22 11.40
N PHE A 79 3.92 -13.22 12.20
CA PHE A 79 3.79 -14.14 13.32
C PHE A 79 3.12 -15.40 12.85
N CYS A 80 3.74 -16.55 13.15
CA CYS A 80 3.19 -17.86 12.76
C CYS A 80 2.96 -18.75 13.94
N ALA A 81 1.88 -19.57 13.87
CA ALA A 81 1.68 -20.67 14.80
C ALA A 81 2.72 -21.68 14.29
N ASP A 82 3.52 -22.27 15.18
CA ASP A 82 4.58 -23.19 14.76
C ASP A 82 4.61 -24.45 15.61
N LEU A 83 4.28 -25.58 15.00
CA LEU A 83 4.38 -26.91 15.63
C LEU A 83 5.37 -27.78 14.83
N TYR A 84 5.97 -27.19 13.80
CA TYR A 84 6.98 -27.85 12.96
C TYR A 84 8.26 -28.10 13.77
N ARG A 85 8.65 -27.13 14.62
CA ARG A 85 9.80 -27.23 15.53
C ARG A 85 9.66 -28.51 16.39
N HIS A 86 8.46 -28.75 16.91
CA HIS A 86 8.09 -29.87 17.76
C HIS A 86 8.07 -31.18 16.96
N GLN A 87 7.54 -31.14 15.72
CA GLN A 87 7.56 -32.30 14.82
C GLN A 87 9.02 -32.71 14.55
N GLN A 88 9.89 -31.75 14.17
CA GLN A 88 11.30 -32.01 13.86
C GLN A 88 12.15 -32.42 15.06
N LEU A 89 11.88 -31.81 16.23
CA LEU A 89 12.51 -32.07 17.52
C LEU A 89 12.32 -33.59 17.81
N ALA A 90 11.09 -34.10 17.63
CA ALA A 90 10.73 -35.49 17.87
C ALA A 90 11.41 -36.43 16.86
N GLU A 91 11.48 -36.02 15.57
CA GLU A 91 12.14 -36.81 14.51
C GLU A 91 13.62 -37.02 14.81
N GLU A 92 14.27 -36.05 15.46
CA GLU A 92 15.67 -36.11 15.89
C GLU A 92 15.88 -37.23 16.92
N LYS A 93 14.83 -37.54 17.70
CA LYS A 93 14.82 -38.58 18.74
C LYS A 93 14.18 -39.87 18.23
N GLY A 94 13.99 -39.97 16.92
CA GLY A 94 13.41 -41.15 16.28
C GLY A 94 11.90 -41.30 16.46
N GLU A 95 11.21 -40.22 16.86
CA GLU A 95 9.76 -40.23 17.06
C GLU A 95 9.05 -39.46 15.93
N HIS A 96 7.83 -39.87 15.58
CA HIS A 96 7.02 -39.31 14.51
C HIS A 96 5.64 -39.00 15.09
N ILE A 97 5.53 -37.78 15.69
CA ILE A 97 4.42 -37.28 16.50
C ILE A 97 3.37 -36.34 15.85
N SER A 98 3.40 -36.14 14.51
CA SER A 98 2.48 -35.26 13.78
C SER A 98 1.01 -35.34 14.22
N GLU A 99 0.47 -36.56 14.40
CA GLU A 99 -0.93 -36.77 14.82
C GLU A 99 -1.25 -36.08 16.15
N LEU A 100 -0.26 -35.95 17.04
CA LEU A 100 -0.41 -35.32 18.36
C LEU A 100 -0.48 -33.76 18.30
N LEU A 101 0.01 -33.17 17.20
CA LEU A 101 0.09 -31.71 16.99
C LEU A 101 -1.10 -31.15 16.24
N GLU A 102 -2.00 -32.01 15.76
CA GLU A 102 -3.10 -31.61 14.88
C GLU A 102 -4.49 -31.38 15.44
N ASN A 103 -4.68 -31.43 16.76
CA ASN A 103 -6.01 -31.24 17.34
C ASN A 103 -6.34 -29.77 17.60
N THR A 104 -7.56 -29.49 18.07
CA THR A 104 -8.03 -28.14 18.38
C THR A 104 -7.24 -27.55 19.53
N GLU A 105 -6.95 -28.37 20.56
CA GLU A 105 -6.17 -27.93 21.73
C GLU A 105 -4.81 -27.33 21.31
N PHE A 107 -3.97 -26.23 18.38
CA PHE A 107 -4.22 -25.07 17.52
C PHE A 107 -4.47 -23.83 18.41
N VAL A 109 -3.37 -23.52 21.54
CA VAL A 109 -2.08 -23.30 22.22
C VAL A 109 -1.15 -22.44 21.35
N SER A 110 -0.98 -22.84 20.09
CA SER A 110 -0.06 -22.13 19.19
C SER A 110 -0.53 -20.72 18.83
N LEU A 111 -1.85 -20.51 18.62
CA LEU A 111 -2.40 -19.19 18.32
C LEU A 111 -2.21 -18.24 19.50
N ILE A 112 -2.53 -18.71 20.72
CA ILE A 112 -2.37 -17.90 21.94
C ILE A 112 -0.88 -17.58 22.17
N ASP A 113 0.01 -18.57 22.05
CA ASP A 113 1.45 -18.34 22.24
C ASP A 113 1.96 -17.25 21.30
N ALA A 114 1.63 -17.34 20.00
CA ALA A 114 2.05 -16.34 19.00
C ALA A 114 1.49 -14.97 19.30
N ALA A 115 0.20 -14.90 19.70
CA ALA A 115 -0.44 -13.59 20.01
C ALA A 115 0.20 -12.93 21.24
N LEU A 116 0.50 -13.69 22.31
CA LEU A 116 1.15 -13.10 23.50
C LEU A 116 2.52 -12.54 23.12
N ALA A 117 3.27 -13.29 22.29
CA ALA A 117 4.59 -12.82 21.82
C ALA A 117 4.44 -11.51 21.00
N ALA A 118 3.45 -11.46 20.08
CA ALA A 118 3.21 -10.28 19.24
C ALA A 118 2.87 -9.06 20.06
N GLN A 119 2.02 -9.23 21.09
CA GLN A 119 1.65 -8.10 21.93
C GLN A 119 2.80 -7.57 22.77
N ASN A 120 3.70 -8.46 23.21
CA ASN A 120 4.94 -8.05 23.91
C ASN A 120 5.79 -7.22 22.95
N SER A 122 4.69 -5.49 20.38
CA SER A 122 3.97 -4.25 20.14
C SER A 122 4.24 -3.24 21.26
N ILE A 123 4.12 -3.68 22.53
CA ILE A 123 4.36 -2.80 23.69
C ILE A 123 5.83 -2.34 23.72
N ALA A 124 6.75 -3.27 23.46
CA ALA A 124 8.18 -2.92 23.41
C ALA A 124 8.42 -1.84 22.33
N ALA A 125 7.84 -2.01 21.12
CA ALA A 125 8.00 -1.04 20.01
C ALA A 125 7.44 0.33 20.37
N GLU A 126 6.21 0.33 20.93
CA GLU A 126 5.54 1.56 21.35
C GLU A 126 6.28 2.30 22.46
N SER A 127 6.93 1.56 23.39
CA SER A 127 7.73 2.16 24.46
C SER A 127 8.98 2.90 23.90
N GLY A 129 8.94 4.60 21.11
CA GLY A 129 8.40 5.68 20.29
C GLY A 129 8.09 5.21 18.88
N LEU A 130 8.14 3.89 18.63
CA LEU A 130 7.81 3.37 17.31
C LEU A 130 6.30 3.15 17.23
N GLY A 131 5.77 3.10 16.01
CA GLY A 131 4.38 2.82 15.74
C GLY A 131 4.25 1.39 15.25
N ILE A 132 3.06 0.79 15.50
CA ILE A 132 2.77 -0.58 15.04
C ILE A 132 1.39 -0.65 14.40
N CYS A 133 1.21 -1.66 13.54
CA CYS A 133 -0.10 -2.02 12.99
C CYS A 133 -0.09 -3.49 12.69
N TYR A 134 -1.03 -4.22 13.32
CA TYR A 134 -1.23 -5.66 13.05
C TYR A 134 -1.84 -5.78 11.67
N ILE A 135 -1.49 -6.86 10.92
CA ILE A 135 -1.98 -7.08 9.56
C ILE A 135 -2.55 -8.50 9.43
N GLY A 136 -3.83 -8.62 9.73
CA GLY A 136 -4.58 -9.87 9.60
C GLY A 136 -4.97 -10.12 8.16
N GLY A 137 -4.87 -9.07 7.32
CA GLY A 137 -5.16 -9.11 5.89
C GLY A 137 -4.44 -10.20 5.14
N ILE A 138 -3.26 -10.63 5.63
CA ILE A 138 -2.51 -11.75 5.02
C ILE A 138 -3.35 -13.06 5.01
N ARG A 139 -4.35 -13.17 5.91
CA ARG A 139 -5.23 -14.36 5.93
C ARG A 139 -6.23 -14.43 4.76
N ASN A 140 -6.23 -13.41 3.87
CA ASN A 140 -7.07 -13.42 2.66
C ASN A 140 -6.59 -14.53 1.72
N GLU A 141 -5.25 -14.76 1.67
CA GLU A 141 -4.64 -15.71 0.74
C GLU A 141 -3.50 -16.46 1.39
N LEU A 142 -3.77 -17.19 2.48
CA LEU A 142 -2.69 -17.91 3.19
C LEU A 142 -1.88 -18.88 2.35
N ASP A 143 -2.47 -19.53 1.30
CA ASP A 143 -1.75 -20.46 0.43
C ASP A 143 -0.64 -19.70 -0.30
N LYS A 144 -0.93 -18.47 -0.76
CA LYS A 144 0.08 -17.65 -1.43
C LYS A 144 1.09 -17.08 -0.43
N VAL A 145 0.64 -16.72 0.78
CA VAL A 145 1.52 -16.20 1.85
C VAL A 145 2.54 -17.30 2.26
N THR A 146 2.08 -18.58 2.39
CA THR A 146 2.99 -19.68 2.72
C THR A 146 4.02 -19.89 1.61
N GLU A 147 3.66 -19.62 0.33
CA GLU A 147 4.60 -19.72 -0.78
C GLU A 147 5.63 -18.58 -0.72
N VAL A 148 5.19 -17.34 -0.38
CA VAL A 148 6.10 -16.18 -0.26
C VAL A 148 7.14 -16.46 0.86
N LEU A 149 6.66 -16.94 2.00
CA LEU A 149 7.49 -17.18 3.18
C LEU A 149 8.14 -18.57 3.22
N GLN A 150 7.75 -19.47 2.29
CA GLN A 150 8.24 -20.86 2.19
C GLN A 150 8.09 -21.57 3.54
N THR A 151 6.90 -21.42 4.15
CA THR A 151 6.65 -22.05 5.45
C THR A 151 6.33 -23.52 5.25
N PRO A 152 6.89 -24.40 6.09
CA PRO A 152 6.64 -25.84 5.92
C PRO A 152 5.30 -26.26 6.53
N ASP A 153 5.02 -27.58 6.56
CA ASP A 153 3.79 -28.06 7.18
C ASP A 153 3.89 -27.81 8.68
N HIS A 154 2.75 -27.68 9.37
CA HIS A 154 2.69 -27.39 10.82
C HIS A 154 3.12 -25.95 11.17
N VAL A 155 3.14 -25.08 10.16
CA VAL A 155 3.45 -23.65 10.32
C VAL A 155 2.29 -22.88 9.67
N LEU A 156 1.63 -22.02 10.46
CA LEU A 156 0.51 -21.25 9.96
C LEU A 156 0.73 -19.74 10.16
N PRO A 157 0.93 -18.95 9.08
CA PRO A 157 1.02 -17.48 9.27
C PRO A 157 -0.34 -16.98 9.78
N LEU A 158 -0.32 -16.13 10.82
CA LEU A 158 -1.55 -15.64 11.47
C LEU A 158 -1.82 -14.19 11.12
N PHE A 159 -0.78 -13.35 11.23
CA PHE A 159 -0.87 -11.91 10.95
C PHE A 159 0.53 -11.35 10.85
N GLY A 160 0.63 -10.22 10.16
CA GLY A 160 1.87 -9.46 10.10
C GLY A 160 1.81 -8.40 11.18
N LEU A 161 2.97 -7.78 11.44
CA LEU A 161 3.09 -6.65 12.34
C LEU A 161 4.04 -5.68 11.68
N ALA A 162 3.50 -4.55 11.20
CA ALA A 162 4.26 -3.47 10.59
C ALA A 162 4.77 -2.62 11.74
N VAL A 163 6.08 -2.36 11.77
CA VAL A 163 6.73 -1.57 12.83
C VAL A 163 7.57 -0.48 12.14
N GLY A 164 7.53 0.74 12.66
CA GLY A 164 8.33 1.81 12.09
C GLY A 164 8.23 3.12 12.84
N HIS A 165 8.91 4.14 12.31
CA HIS A 165 8.93 5.50 12.84
C HIS A 165 7.68 6.17 12.30
N PRO A 166 6.73 6.61 13.15
CA PRO A 166 5.50 7.20 12.60
C PRO A 166 5.72 8.50 11.83
N ALA A 167 5.05 8.64 10.67
CA ALA A 167 5.07 9.86 9.84
C ALA A 167 3.82 10.71 10.21
N ASN A 168 2.81 10.07 10.82
CA ASN A 168 1.55 10.66 11.28
C ASN A 168 1.14 9.86 12.52
N LEU A 169 0.82 10.54 13.63
CA LEU A 169 0.47 9.88 14.90
C LEU A 169 -0.99 9.43 15.03
N SER A 170 -1.86 9.85 14.07
CA SER A 170 -3.28 9.49 14.05
C SER A 170 -3.94 9.88 15.42
N GLY A 171 -4.90 9.08 15.86
CA GLY A 171 -5.60 9.31 17.12
C GLY A 171 -6.15 8.02 17.69
N LYS A 172 -6.47 8.04 18.98
CA LYS A 172 -7.01 6.87 19.68
C LYS A 172 -8.44 6.58 19.30
N LYS A 173 -8.82 5.29 19.28
CA LYS A 173 -10.17 4.83 18.99
C LYS A 173 -10.82 4.39 20.29
N PRO A 174 -12.03 4.89 20.63
CA PRO A 174 -12.65 4.48 21.90
C PRO A 174 -12.96 2.99 21.95
N ARG A 175 -12.79 2.41 23.13
CA ARG A 175 -13.06 1.00 23.38
C ARG A 175 -14.42 0.85 24.02
N LEU A 176 -14.98 -0.37 23.96
CA LEU A 176 -16.27 -0.69 24.60
C LEU A 176 -16.29 -0.22 26.05
N PRO A 177 -17.47 0.19 26.58
CA PRO A 177 -17.52 0.54 28.01
C PRO A 177 -17.04 -0.66 28.83
N LYS A 178 -16.37 -0.40 29.94
CA LYS A 178 -15.84 -1.42 30.85
C LYS A 178 -16.88 -2.53 31.15
N GLN A 179 -18.10 -2.15 31.52
CA GLN A 179 -19.17 -3.09 31.86
C GLN A 179 -19.65 -4.01 30.69
N ALA A 180 -19.32 -3.68 29.43
CA ALA A 180 -19.61 -4.56 28.31
C ALA A 180 -18.59 -5.73 28.27
N VAL A 181 -17.33 -5.45 28.63
CA VAL A 181 -16.24 -6.43 28.53
C VAL A 181 -15.95 -7.16 29.83
N TYR A 182 -16.05 -6.44 30.96
CA TYR A 182 -15.72 -6.98 32.29
C TYR A 182 -16.96 -7.38 33.06
N HIS A 183 -16.99 -8.62 33.54
CA HIS A 183 -18.15 -9.22 34.23
C HIS A 183 -17.67 -9.69 35.59
N GLU A 184 -18.50 -9.53 36.63
CA GLU A 184 -18.09 -9.98 37.96
C GLU A 184 -18.68 -11.32 38.24
N ASN A 185 -17.79 -12.33 38.43
CA ASN A 185 -18.09 -13.73 38.74
C ASN A 185 -18.74 -14.59 37.70
N THR A 186 -19.76 -14.03 37.02
CA THR A 186 -20.48 -14.73 35.96
C THR A 186 -20.65 -13.78 34.80
N TYR A 187 -20.86 -14.33 33.59
CA TYR A 187 -21.10 -13.54 32.38
C TYR A 187 -22.47 -12.86 32.53
N ASN A 188 -22.55 -11.55 32.26
CA ASN A 188 -23.78 -10.80 32.38
C ASN A 188 -24.60 -10.91 31.09
N VAL A 189 -25.73 -11.63 31.14
CA VAL A 189 -26.63 -11.84 30.00
C VAL A 189 -27.88 -10.92 30.05
N ASN A 190 -27.93 -10.00 31.03
CA ASN A 190 -29.07 -9.10 31.19
C ASN A 190 -29.24 -8.22 29.94
N THR A 191 -30.40 -8.37 29.24
CA THR A 191 -30.72 -7.67 27.99
C THR A 191 -30.77 -6.15 28.13
N ASP A 192 -31.34 -5.64 29.25
CA ASP A 192 -31.39 -4.20 29.51
C ASP A 192 -29.98 -3.62 29.65
N ASP A 193 -29.10 -4.32 30.39
CA ASP A 193 -27.70 -3.91 30.58
C ASP A 193 -26.98 -3.88 29.24
N PHE A 194 -27.19 -4.92 28.42
CA PHE A 194 -26.58 -5.04 27.10
C PHE A 194 -27.01 -3.87 26.19
N ARG A 195 -28.32 -3.61 26.09
CA ARG A 195 -28.87 -2.54 25.26
C ARG A 195 -28.37 -1.18 25.65
N HIS A 196 -28.31 -0.89 26.96
CA HIS A 196 -27.85 0.39 27.50
C HIS A 196 -26.37 0.62 27.16
N THR A 197 -25.52 -0.41 27.35
CA THR A 197 -24.09 -0.28 27.06
C THR A 197 -23.83 -0.16 25.57
N ASN A 199 -26.00 0.90 23.21
CA ASN A 199 -26.55 2.19 22.75
C ASN A 199 -25.57 3.30 23.05
N THR A 200 -25.01 3.30 24.28
CA THR A 200 -24.03 4.31 24.72
C THR A 200 -22.80 4.23 23.80
N TYR A 201 -22.27 3.02 23.57
CA TYR A 201 -21.10 2.82 22.72
C TYR A 201 -21.35 3.24 21.29
N ASP A 202 -22.52 2.86 20.71
CA ASP A 202 -22.86 3.27 19.36
C ASP A 202 -22.91 4.80 19.20
N LYS A 203 -23.39 5.52 20.21
CA LYS A 203 -23.43 6.99 20.21
C LYS A 203 -21.98 7.53 20.31
N THR A 204 -21.13 6.95 21.19
CA THR A 204 -19.71 7.34 21.34
C THR A 204 -18.98 7.20 19.99
N ILE A 205 -19.22 6.08 19.29
CA ILE A 205 -18.56 5.82 18.01
C ILE A 205 -19.06 6.71 16.89
N SER A 206 -20.40 6.86 16.79
CA SER A 206 -20.99 7.74 15.78
C SER A 206 -20.47 9.18 15.98
N ASP A 207 -20.45 9.67 17.24
CA ASP A 207 -19.89 11.00 17.57
C ASP A 207 -18.43 11.09 17.19
N TYR A 208 -17.65 10.04 17.48
CA TYR A 208 -16.23 9.96 17.15
C TYR A 208 -16.01 10.14 15.64
N TYR A 209 -16.75 9.39 14.80
CA TYR A 209 -16.61 9.51 13.35
C TYR A 209 -17.04 10.89 12.84
N ARG A 210 -18.15 11.43 13.39
CA ARG A 210 -18.64 12.77 13.03
C ARG A 210 -17.54 13.79 13.27
N GLU A 211 -16.93 13.75 14.48
CA GLU A 211 -15.83 14.64 14.91
C GLU A 211 -14.58 14.49 14.03
N ARG A 212 -14.11 13.23 13.84
CA ARG A 212 -12.92 12.86 13.07
C ARG A 212 -13.03 13.20 11.57
N THR A 213 -14.21 12.96 10.95
CA THR A 213 -14.46 13.19 9.52
C THR A 213 -15.18 14.52 9.21
N ASN A 214 -15.44 15.36 10.24
CA ASN A 214 -16.14 16.63 10.11
C ASN A 214 -17.54 16.45 9.45
N GLY A 215 -18.30 15.47 9.96
CA GLY A 215 -19.64 15.16 9.50
C GLY A 215 -19.74 14.23 8.30
N LYS A 216 -18.60 13.94 7.63
CA LYS A 216 -18.62 13.06 6.45
C LYS A 216 -19.04 11.60 6.73
N ARG A 217 -18.78 11.10 7.94
CA ARG A 217 -19.17 9.74 8.36
C ARG A 217 -19.86 9.81 9.72
N GLU A 218 -20.94 9.04 9.91
CA GLU A 218 -21.68 8.98 11.19
C GLU A 218 -22.11 7.57 11.62
N GLU A 219 -21.48 6.53 11.06
CA GLU A 219 -21.82 5.14 11.38
C GLU A 219 -21.57 4.78 12.83
N THR A 220 -22.42 3.91 13.37
CA THR A 220 -22.31 3.41 14.73
C THR A 220 -21.34 2.18 14.70
N TRP A 221 -20.91 1.72 15.87
CA TRP A 221 -20.02 0.57 15.95
C TRP A 221 -20.72 -0.69 15.47
N SER A 222 -21.94 -0.94 15.99
CA SER A 222 -22.71 -2.13 15.64
C SER A 222 -22.99 -2.23 14.13
N ASP A 223 -23.27 -1.10 13.45
CA ASP A 223 -23.44 -1.12 11.99
C ASP A 223 -22.12 -1.39 11.27
N GLN A 224 -21.01 -0.78 11.72
CA GLN A 224 -19.68 -0.97 11.15
C GLN A 224 -19.20 -2.43 11.29
N ILE A 225 -19.26 -3.00 12.50
CA ILE A 225 -18.76 -4.37 12.72
C ILE A 225 -19.52 -5.42 11.95
N LEU A 226 -20.84 -5.28 11.86
CA LEU A 226 -21.71 -6.20 11.12
C LEU A 226 -21.50 -6.08 9.60
N ASN A 227 -21.34 -4.85 9.08
CA ASN A 227 -21.06 -4.60 7.67
C ASN A 227 -19.75 -5.32 7.25
N PHE A 228 -18.67 -5.14 8.02
CA PHE A 228 -17.43 -5.78 7.62
C PHE A 228 -17.28 -7.27 7.93
N LYS A 230 -19.70 -9.59 7.50
CA LYS A 230 -20.34 -10.20 6.33
C LYS A 230 -19.74 -9.58 5.04
N GLN A 231 -18.43 -9.77 4.85
CA GLN A 231 -17.59 -9.29 3.75
C GLN A 231 -16.25 -10.03 3.88
N LYS A 232 -15.77 -10.66 2.79
CA LYS A 232 -14.52 -11.47 2.75
C LYS A 232 -14.46 -12.39 4.02
N PRO A 233 -15.46 -13.29 4.21
CA PRO A 233 -15.52 -14.09 5.45
C PRO A 233 -14.39 -15.08 5.69
N ARG A 234 -13.57 -15.36 4.66
CA ARG A 234 -12.43 -16.28 4.68
C ARG A 234 -12.83 -17.73 5.08
N THR A 235 -13.96 -18.20 4.50
CA THR A 235 -14.50 -19.55 4.75
C THR A 235 -13.51 -20.68 4.39
N TYR A 236 -12.65 -20.46 3.36
CA TYR A 236 -11.62 -21.40 2.89
C TYR A 236 -10.68 -21.85 4.03
N LEU A 237 -10.52 -21.01 5.09
CA LEU A 237 -9.66 -21.33 6.24
C LEU A 237 -10.13 -22.55 7.01
N ASN A 238 -11.43 -22.87 6.98
CA ASN A 238 -11.99 -24.08 7.63
C ASN A 238 -11.19 -25.31 7.19
N ASP A 239 -10.98 -25.44 5.86
CA ASP A 239 -10.22 -26.54 5.28
C ASP A 239 -8.75 -26.24 5.18
N TYR A 240 -8.36 -24.99 4.85
CA TYR A 240 -6.94 -24.65 4.68
C TYR A 240 -6.11 -24.85 5.94
N VAL A 241 -6.64 -24.48 7.14
CA VAL A 241 -5.86 -24.72 8.36
C VAL A 241 -5.56 -26.22 8.57
N LYS A 242 -6.55 -27.09 8.27
CA LYS A 242 -6.44 -28.56 8.34
C LYS A 242 -5.38 -29.08 7.38
N GLU A 243 -5.29 -28.49 6.16
CA GLU A 243 -4.31 -28.80 5.12
C GLU A 243 -2.89 -28.54 5.65
N LYS A 244 -2.73 -27.53 6.54
CA LYS A 244 -1.44 -27.19 7.11
C LYS A 244 -1.09 -27.98 8.38
N GLY A 245 -2.00 -28.87 8.79
CA GLY A 245 -1.79 -29.74 9.94
C GLY A 245 -2.34 -29.23 11.25
N PHE A 246 -3.38 -28.37 11.22
CA PHE A 246 -3.96 -27.86 12.46
C PHE A 246 -5.45 -28.10 12.56
N ASN A 247 -5.95 -28.14 13.79
CA ASN A 247 -7.39 -28.16 14.12
C ASN A 247 -8.20 -29.29 13.45
N LYS A 248 -7.58 -30.45 13.29
CA LYS A 248 -8.20 -31.60 12.63
C LYS A 248 -9.04 -32.45 13.58
N ASN A 249 -10.13 -33.05 13.02
CA ASN A 249 -11.15 -33.93 13.60
C ASN A 249 -12.44 -33.28 14.10
N ASN B 2 15.36 1.17 28.74
CA ASN B 2 13.90 1.38 28.75
C ASN B 2 13.25 0.55 29.90
N ASN B 3 12.45 1.18 30.77
CA ASN B 3 11.79 0.50 31.91
C ASN B 3 10.74 -0.54 31.52
N THR B 4 9.94 -0.23 30.50
CA THR B 4 8.89 -1.13 29.96
C THR B 4 9.55 -2.41 29.43
N ILE B 5 10.61 -2.25 28.60
CA ILE B 5 11.34 -3.38 28.05
C ILE B 5 12.00 -4.20 29.18
N GLU B 6 12.53 -3.52 30.22
CA GLU B 6 13.11 -4.22 31.36
C GLU B 6 12.06 -5.06 32.07
N THR B 7 10.85 -4.51 32.27
CA THR B 7 9.73 -5.25 32.87
C THR B 7 9.36 -6.46 31.98
N ILE B 8 9.22 -6.24 30.65
CA ILE B 8 8.89 -7.33 29.72
C ILE B 8 9.91 -8.47 29.82
N LEU B 9 11.22 -8.13 29.73
CA LEU B 9 12.29 -9.13 29.79
C LEU B 9 12.47 -9.78 31.15
N ASN B 10 12.01 -9.14 32.24
CA ASN B 10 12.12 -9.67 33.61
C ASN B 10 11.03 -10.71 33.96
N HIS B 11 10.02 -10.85 33.08
CA HIS B 11 8.92 -11.77 33.34
C HIS B 11 9.28 -13.19 33.75
N ARG B 12 8.56 -13.69 34.75
CA ARG B 12 8.48 -15.09 35.16
C ARG B 12 7.08 -15.28 35.75
N SER B 13 6.51 -16.48 35.57
CA SER B 13 5.20 -16.84 36.13
C SER B 13 5.32 -16.88 37.65
N ILE B 14 4.35 -16.26 38.35
CA ILE B 14 4.30 -16.22 39.82
C ILE B 14 3.22 -17.16 40.27
N ARG B 15 3.59 -18.14 41.12
CA ARG B 15 2.64 -19.15 41.57
C ARG B 15 2.46 -19.16 43.09
N SER B 16 2.92 -18.10 43.76
CA SER B 16 2.78 -17.95 45.20
C SER B 16 2.47 -16.49 45.48
N PHE B 17 1.21 -16.21 45.90
CA PHE B 17 0.79 -14.85 46.18
C PHE B 17 0.45 -14.65 47.66
N THR B 18 0.43 -13.40 48.12
CA THR B 18 -0.04 -13.08 49.48
C THR B 18 -1.58 -13.05 49.39
N ASP B 19 -2.28 -12.95 50.52
CA ASP B 19 -3.74 -12.89 50.56
C ASP B 19 -4.28 -11.46 50.26
N GLN B 20 -3.39 -10.48 50.00
CA GLN B 20 -3.80 -9.10 49.70
C GLN B 20 -4.55 -9.03 48.36
N LEU B 21 -5.84 -8.66 48.41
CA LEU B 21 -6.66 -8.55 47.21
C LEU B 21 -6.30 -7.31 46.40
N LEU B 22 -6.58 -7.35 45.08
CA LEU B 22 -6.40 -6.18 44.24
C LEU B 22 -7.48 -5.19 44.60
N THR B 23 -7.17 -3.90 44.53
CA THR B 23 -8.15 -2.85 44.80
C THR B 23 -9.03 -2.66 43.55
N ALA B 24 -10.18 -2.00 43.69
CA ALA B 24 -11.07 -1.70 42.56
C ALA B 24 -10.35 -0.83 41.52
N GLU B 25 -9.47 0.09 41.98
CA GLU B 25 -8.67 0.96 41.12
C GLU B 25 -7.66 0.14 40.31
N GLU B 26 -7.01 -0.85 40.96
CA GLU B 26 -6.02 -1.71 40.28
C GLU B 26 -6.72 -2.55 39.19
N ILE B 27 -7.89 -3.15 39.54
CA ILE B 27 -8.69 -3.96 38.61
C ILE B 27 -9.12 -3.08 37.44
N ASP B 28 -9.58 -1.83 37.73
CA ASP B 28 -9.99 -0.89 36.69
C ASP B 28 -8.85 -0.62 35.70
N THR B 29 -7.64 -0.31 36.24
CA THR B 29 -6.44 -0.05 35.43
C THR B 29 -6.08 -1.26 34.55
N LEU B 30 -6.10 -2.46 35.16
CA LEU B 30 -5.80 -3.72 34.46
C LEU B 30 -6.76 -3.97 33.30
N VAL B 31 -8.08 -3.76 33.53
CA VAL B 31 -9.12 -3.95 32.51
C VAL B 31 -8.95 -2.94 31.37
N LYS B 32 -8.76 -1.64 31.71
CA LYS B 32 -8.54 -0.61 30.68
C LYS B 32 -7.27 -0.92 29.87
N SER B 33 -6.21 -1.41 30.54
CA SER B 33 -4.95 -1.77 29.85
C SER B 33 -5.20 -2.89 28.87
N ALA B 34 -5.94 -3.94 29.30
CA ALA B 34 -6.31 -5.08 28.45
C ALA B 34 -7.10 -4.57 27.21
N GLN B 35 -8.10 -3.69 27.45
CA GLN B 35 -8.94 -3.18 26.36
C GLN B 35 -8.18 -2.36 25.34
N ALA B 36 -7.07 -1.72 25.74
CA ALA B 36 -6.27 -0.82 24.89
C ALA B 36 -5.52 -1.58 23.78
N ALA B 37 -5.45 -2.92 23.86
CA ALA B 37 -4.76 -3.68 22.82
C ALA B 37 -5.44 -3.50 21.46
N SER B 38 -4.68 -3.68 20.38
CA SER B 38 -5.24 -3.69 19.01
C SER B 38 -6.29 -4.80 18.96
N THR B 39 -7.23 -4.67 18.03
CA THR B 39 -8.33 -5.61 17.85
C THR B 39 -8.69 -5.71 16.37
N SER B 40 -8.77 -6.94 15.82
CA SER B 40 -9.10 -7.20 14.39
C SER B 40 -10.42 -6.54 14.03
N SER B 41 -10.40 -5.68 13.01
CA SER B 41 -11.56 -4.95 12.49
C SER B 41 -12.39 -4.26 13.59
N TYR B 42 -11.75 -3.87 14.72
CA TYR B 42 -12.37 -3.14 15.84
C TYR B 42 -13.44 -3.98 16.56
N VAL B 43 -13.48 -5.30 16.30
CA VAL B 43 -14.51 -6.19 16.82
C VAL B 43 -14.50 -6.42 18.31
N GLN B 44 -13.32 -6.33 18.97
CA GLN B 44 -13.13 -6.52 20.41
C GLN B 44 -13.85 -7.82 20.84
N ALA B 45 -13.48 -8.94 20.17
CA ALA B 45 -14.15 -10.24 20.31
C ALA B 45 -13.80 -11.04 21.57
N TYR B 46 -13.89 -10.38 22.73
CA TYR B 46 -13.56 -11.02 23.98
C TYR B 46 -14.38 -10.47 25.13
N SER B 47 -14.33 -11.19 26.27
CA SER B 47 -14.89 -10.80 27.54
C SER B 47 -13.93 -11.25 28.63
N ILE B 48 -13.95 -10.53 29.74
CA ILE B 48 -13.08 -10.81 30.88
C ILE B 48 -14.00 -11.00 32.09
N ILE B 49 -13.93 -12.17 32.72
CA ILE B 49 -14.74 -12.43 33.91
C ILE B 49 -13.82 -12.38 35.12
N GLY B 50 -14.07 -11.41 36.00
CA GLY B 50 -13.31 -11.23 37.22
C GLY B 50 -13.92 -12.07 38.31
N VAL B 51 -13.20 -13.10 38.75
CA VAL B 51 -13.69 -14.06 39.72
C VAL B 51 -13.13 -13.76 41.12
N SER B 52 -14.01 -13.27 42.00
CA SER B 52 -13.65 -12.95 43.39
C SER B 52 -14.41 -13.84 44.37
N ASP B 53 -15.53 -14.47 43.93
CA ASP B 53 -16.34 -15.35 44.77
C ASP B 53 -15.49 -16.57 45.21
N PRO B 54 -15.22 -16.72 46.53
CA PRO B 54 -14.36 -17.84 47.00
C PRO B 54 -14.76 -19.20 46.48
N GLU B 55 -16.08 -19.51 46.44
CA GLU B 55 -16.53 -20.80 45.93
C GLU B 55 -16.19 -21.00 44.46
N LYS B 56 -16.38 -19.97 43.64
CA LYS B 56 -16.06 -20.08 42.21
C LYS B 56 -14.52 -20.17 41.98
N LYS B 57 -13.71 -19.41 42.73
CA LYS B 57 -12.22 -19.47 42.60
C LYS B 57 -11.76 -20.89 42.95
N ARG B 58 -12.39 -21.49 43.98
CA ARG B 58 -12.06 -22.85 44.44
C ARG B 58 -12.42 -23.88 43.37
N GLU B 59 -13.66 -23.82 42.82
CA GLU B 59 -14.10 -24.74 41.78
C GLU B 59 -13.16 -24.66 40.58
N LEU B 60 -12.80 -23.44 40.15
CA LEU B 60 -11.91 -23.25 39.01
C LEU B 60 -10.51 -23.81 39.28
N SER B 61 -9.96 -23.66 40.52
CA SER B 61 -8.66 -24.26 40.84
C SER B 61 -8.74 -25.78 40.71
N VAL B 62 -9.85 -26.41 41.17
CA VAL B 62 -10.03 -27.87 41.05
C VAL B 62 -10.11 -28.28 39.58
N LEU B 63 -10.98 -27.61 38.80
CA LEU B 63 -11.16 -27.88 37.38
C LEU B 63 -9.87 -27.70 36.60
N ALA B 64 -9.01 -26.75 37.04
CA ALA B 64 -7.71 -26.46 36.41
C ALA B 64 -6.62 -27.50 36.73
N GLY B 65 -6.96 -28.49 37.54
CA GLY B 65 -6.07 -29.57 37.96
C GLY B 65 -5.43 -29.34 39.31
N ASN B 66 -6.16 -28.68 40.25
CA ASN B 66 -5.70 -28.34 41.61
C ASN B 66 -4.50 -27.41 41.59
N GLN B 67 -4.73 -26.19 41.12
CA GLN B 67 -3.71 -25.16 41.06
C GLN B 67 -4.06 -24.15 42.13
N PRO B 68 -3.37 -24.17 43.29
CA PRO B 68 -3.79 -23.32 44.43
C PRO B 68 -3.74 -21.81 44.23
N TYR B 69 -2.83 -21.36 43.34
CA TYR B 69 -2.66 -19.98 42.96
C TYR B 69 -3.84 -19.42 42.12
N VAL B 70 -4.82 -20.27 41.74
CA VAL B 70 -6.05 -19.84 41.06
C VAL B 70 -6.99 -19.31 42.17
N GLU B 71 -6.93 -19.96 43.35
CA GLU B 71 -7.76 -19.61 44.51
C GLU B 71 -7.08 -18.52 45.35
N LYS B 72 -5.80 -18.70 45.69
CA LYS B 72 -5.04 -17.76 46.49
C LYS B 72 -4.27 -16.78 45.61
N ASN B 73 -4.86 -15.60 45.38
CA ASN B 73 -4.28 -14.52 44.58
C ASN B 73 -5.03 -13.19 44.89
N GLY B 74 -4.65 -12.09 44.23
CA GLY B 74 -5.29 -10.80 44.41
C GLY B 74 -6.60 -10.66 43.65
N HIS B 75 -6.74 -11.41 42.55
CA HIS B 75 -7.94 -11.49 41.70
C HIS B 75 -7.69 -12.57 40.65
N PHE B 76 -8.77 -13.26 40.23
CA PHE B 76 -8.66 -14.24 39.15
C PHE B 76 -9.50 -13.80 37.96
N PHE B 77 -8.83 -13.52 36.83
CA PHE B 77 -9.50 -13.08 35.61
C PHE B 77 -9.62 -14.27 34.66
N VAL B 78 -10.80 -14.42 34.02
CA VAL B 78 -10.96 -15.46 33.01
C VAL B 78 -11.18 -14.76 31.66
N PHE B 79 -10.28 -15.03 30.71
CA PHE B 79 -10.37 -14.45 29.36
C PHE B 79 -11.16 -15.38 28.48
N CYS B 80 -12.18 -14.82 27.82
CA CYS B 80 -13.07 -15.59 26.93
C CYS B 80 -13.06 -15.04 25.55
N ALA B 81 -13.14 -15.93 24.56
CA ALA B 81 -13.45 -15.58 23.16
C ALA B 81 -14.94 -15.22 23.25
N ASP B 82 -15.36 -14.09 22.68
CA ASP B 82 -16.74 -13.65 22.77
C ASP B 82 -17.28 -13.17 21.43
N LEU B 83 -18.21 -13.95 20.87
CA LEU B 83 -18.93 -13.59 19.63
C LEU B 83 -20.43 -13.49 19.92
N TYR B 84 -20.79 -13.64 21.21
CA TYR B 84 -22.18 -13.51 21.69
C TYR B 84 -22.65 -12.07 21.56
N ARG B 85 -21.76 -11.13 21.90
CA ARG B 85 -22.00 -9.67 21.79
C ARG B 85 -22.44 -9.35 20.34
N HIS B 86 -21.71 -9.92 19.38
CA HIS B 86 -21.92 -9.73 17.94
C HIS B 86 -23.23 -10.41 17.46
N GLN B 87 -23.51 -11.64 17.96
CA GLN B 87 -24.74 -12.36 17.66
C GLN B 87 -25.96 -11.56 18.16
N GLN B 88 -25.89 -11.04 19.41
CA GLN B 88 -26.97 -10.25 20.03
C GLN B 88 -27.21 -8.92 19.33
N LEU B 89 -26.13 -8.24 18.89
CA LEU B 89 -26.22 -6.98 18.13
C LEU B 89 -26.91 -7.26 16.79
N ALA B 90 -26.54 -8.36 16.11
CA ALA B 90 -27.12 -8.79 14.83
C ALA B 90 -28.61 -9.10 14.99
N GLU B 91 -28.99 -9.88 16.04
CA GLU B 91 -30.38 -10.24 16.33
C GLU B 91 -31.27 -9.02 16.49
N GLU B 92 -30.82 -8.01 17.25
CA GLU B 92 -31.52 -6.75 17.52
C GLU B 92 -31.60 -5.81 16.29
N LYS B 93 -30.98 -6.22 15.17
CA LYS B 93 -30.98 -5.45 13.92
C LYS B 93 -31.62 -6.21 12.76
N GLY B 94 -32.02 -7.46 13.02
CA GLY B 94 -32.63 -8.33 12.03
C GLY B 94 -31.62 -8.92 11.06
N GLU B 95 -30.33 -8.93 11.44
CA GLU B 95 -29.26 -9.51 10.63
C GLU B 95 -28.98 -10.94 11.10
N HIS B 96 -28.34 -11.76 10.25
CA HIS B 96 -28.00 -13.14 10.61
C HIS B 96 -26.55 -13.46 10.24
N ILE B 97 -25.68 -13.56 11.27
CA ILE B 97 -24.24 -13.81 11.12
C ILE B 97 -23.82 -15.09 11.87
N SER B 98 -24.76 -15.74 12.59
CA SER B 98 -24.56 -16.98 13.35
C SER B 98 -23.64 -18.00 12.68
N GLU B 99 -23.83 -18.26 11.37
CA GLU B 99 -23.03 -19.20 10.59
C GLU B 99 -21.58 -18.72 10.41
N LEU B 100 -21.36 -17.40 10.20
CA LEU B 100 -20.01 -16.83 10.06
C LEU B 100 -19.29 -16.87 11.40
N LEU B 101 -20.03 -16.67 12.52
CA LEU B 101 -19.43 -16.70 13.85
C LEU B 101 -18.99 -18.11 14.23
N GLU B 102 -19.35 -19.10 13.39
CA GLU B 102 -19.04 -20.51 13.57
C GLU B 102 -17.87 -21.02 12.75
N ASN B 103 -17.31 -20.17 11.89
CA ASN B 103 -16.18 -20.52 11.03
C ASN B 103 -14.82 -20.41 11.73
N THR B 104 -13.79 -20.99 11.13
CA THR B 104 -12.43 -21.00 11.67
C THR B 104 -11.88 -19.58 11.79
N GLU B 105 -12.12 -18.75 10.76
CA GLU B 105 -11.67 -17.36 10.73
C GLU B 105 -12.08 -16.61 12.00
N PHE B 107 -13.09 -17.84 14.85
CA PHE B 107 -12.50 -18.51 16.01
C PHE B 107 -11.06 -17.95 16.22
N VAL B 109 -9.89 -15.01 15.07
CA VAL B 109 -10.07 -13.60 15.41
C VAL B 109 -10.28 -13.42 16.94
N SER B 110 -11.22 -14.20 17.50
CA SER B 110 -11.57 -14.07 18.91
C SER B 110 -10.50 -14.60 19.82
N LEU B 111 -9.81 -15.68 19.44
CA LEU B 111 -8.70 -16.19 20.26
C LEU B 111 -7.55 -15.14 20.32
N ILE B 112 -7.16 -14.56 19.15
CA ILE B 112 -6.09 -13.55 19.07
C ILE B 112 -6.46 -12.27 19.83
N ASP B 113 -7.70 -11.77 19.64
CA ASP B 113 -8.16 -10.56 20.34
C ASP B 113 -8.04 -10.72 21.85
N ALA B 114 -8.54 -11.85 22.38
CA ALA B 114 -8.49 -12.14 23.82
C ALA B 114 -7.06 -12.25 24.33
N ALA B 115 -6.17 -12.92 23.58
CA ALA B 115 -4.76 -13.09 23.96
C ALA B 115 -4.02 -11.73 23.99
N LEU B 116 -4.23 -10.86 22.98
CA LEU B 116 -3.56 -9.53 22.99
C LEU B 116 -4.01 -8.72 24.21
N ALA B 117 -5.31 -8.79 24.55
CA ALA B 117 -5.83 -8.09 25.73
C ALA B 117 -5.16 -8.67 27.00
N ALA B 118 -5.06 -10.01 27.11
CA ALA B 118 -4.47 -10.63 28.29
C ALA B 118 -3.01 -10.24 28.49
N GLN B 119 -2.25 -10.17 27.38
CA GLN B 119 -0.83 -9.82 27.49
C GLN B 119 -0.64 -8.34 27.88
N ASN B 120 -1.55 -7.47 27.47
CA ASN B 120 -1.53 -6.06 27.90
C ASN B 120 -1.80 -6.01 29.41
N SER B 122 -1.18 -8.43 31.54
CA SER B 122 -0.01 -9.04 32.20
C SER B 122 1.11 -8.01 32.36
N ILE B 123 1.44 -7.27 31.27
CA ILE B 123 2.49 -6.24 31.31
C ILE B 123 2.12 -5.12 32.27
N ALA B 124 0.85 -4.68 32.22
CA ALA B 124 0.39 -3.63 33.14
C ALA B 124 0.56 -4.12 34.59
N ALA B 125 0.15 -5.37 34.91
CA ALA B 125 0.26 -5.92 36.28
C ALA B 125 1.72 -6.00 36.73
N GLU B 126 2.59 -6.54 35.87
CA GLU B 126 4.02 -6.67 36.13
C GLU B 126 4.72 -5.33 36.32
N SER B 127 4.29 -4.28 35.59
CA SER B 127 4.84 -2.93 35.74
C SER B 127 4.50 -2.33 37.13
N GLY B 129 4.48 -4.06 39.86
CA GLY B 129 5.14 -4.94 40.82
C GLY B 129 4.28 -6.14 41.19
N LEU B 130 3.16 -6.36 40.47
CA LEU B 130 2.35 -7.53 40.75
C LEU B 130 2.91 -8.72 39.96
N GLY B 131 2.54 -9.92 40.38
CA GLY B 131 2.91 -11.15 39.70
C GLY B 131 1.71 -11.70 38.94
N ILE B 132 1.98 -12.44 37.86
CA ILE B 132 0.90 -13.06 37.07
C ILE B 132 1.23 -14.51 36.76
N CYS B 133 0.19 -15.31 36.52
CA CYS B 133 0.31 -16.66 35.98
C CYS B 133 -0.91 -16.96 35.11
N TYR B 134 -0.68 -17.30 33.84
CA TYR B 134 -1.76 -17.71 32.94
C TYR B 134 -2.20 -19.10 33.38
N ILE B 135 -3.50 -19.40 33.25
CA ILE B 135 -4.08 -20.69 33.66
C ILE B 135 -4.89 -21.31 32.53
N GLY B 136 -4.21 -22.08 31.69
CA GLY B 136 -4.82 -22.81 30.58
C GLY B 136 -5.49 -24.07 31.08
N GLY B 137 -5.16 -24.45 32.32
CA GLY B 137 -5.69 -25.65 32.98
C GLY B 137 -7.20 -25.71 33.03
N ILE B 138 -7.89 -24.53 33.00
CA ILE B 138 -9.36 -24.48 32.95
C ILE B 138 -9.92 -25.23 31.70
N ARG B 139 -9.09 -25.38 30.63
CA ARG B 139 -9.50 -26.13 29.43
C ARG B 139 -9.58 -27.65 29.63
N ASN B 140 -9.22 -28.16 30.81
CA ASN B 140 -9.33 -29.59 31.13
C ASN B 140 -10.79 -29.99 31.22
N GLU B 141 -11.65 -29.07 31.70
CA GLU B 141 -13.07 -29.31 31.88
C GLU B 141 -13.91 -28.08 31.55
N LEU B 142 -13.87 -27.64 30.27
CA LEU B 142 -14.63 -26.44 29.85
C LEU B 142 -16.14 -26.49 30.10
N ASP B 143 -16.79 -27.69 30.02
CA ASP B 143 -18.25 -27.82 30.27
C ASP B 143 -18.59 -27.38 31.68
N LYS B 144 -17.75 -27.75 32.65
CA LYS B 144 -17.95 -27.36 34.04
C LYS B 144 -17.55 -25.90 34.27
N VAL B 145 -16.50 -25.41 33.57
CA VAL B 145 -16.05 -24.01 33.66
C VAL B 145 -17.16 -23.06 33.16
N THR B 146 -17.79 -23.39 32.00
CA THR B 146 -18.91 -22.59 31.46
C THR B 146 -20.10 -22.58 32.46
N GLU B 147 -20.30 -23.68 33.23
CA GLU B 147 -21.37 -23.71 34.25
C GLU B 147 -21.02 -22.81 35.43
N VAL B 148 -19.74 -22.82 35.89
CA VAL B 148 -19.28 -21.96 37.00
C VAL B 148 -19.47 -20.47 36.61
N LEU B 149 -19.05 -20.12 35.38
CA LEU B 149 -19.08 -18.75 34.89
C LEU B 149 -20.38 -18.35 34.23
N GLN B 150 -21.30 -19.32 34.00
CA GLN B 150 -22.60 -19.10 33.36
C GLN B 150 -22.44 -18.39 32.01
N THR B 151 -21.46 -18.84 31.21
CA THR B 151 -21.21 -18.22 29.93
C THR B 151 -22.24 -18.68 28.91
N PRO B 152 -22.77 -17.76 28.06
CA PRO B 152 -23.79 -18.18 27.09
C PRO B 152 -23.17 -18.82 25.86
N ASP B 153 -24.00 -19.11 24.84
CA ASP B 153 -23.47 -19.66 23.59
C ASP B 153 -22.62 -18.59 22.90
N HIS B 154 -21.64 -18.99 22.09
CA HIS B 154 -20.70 -18.09 21.39
C HIS B 154 -19.71 -17.39 22.35
N VAL B 155 -19.56 -17.95 23.54
CA VAL B 155 -18.59 -17.48 24.54
C VAL B 155 -17.75 -18.71 24.92
N LEU B 156 -16.43 -18.59 24.78
CA LEU B 156 -15.54 -19.70 25.11
C LEU B 156 -14.45 -19.29 26.09
N PRO B 157 -14.46 -19.80 27.34
CA PRO B 157 -13.33 -19.51 28.26
C PRO B 157 -12.05 -20.13 27.67
N LEU B 158 -10.97 -19.37 27.65
CA LEU B 158 -9.71 -19.77 27.04
C LEU B 158 -8.66 -20.10 28.08
N PHE B 159 -8.49 -19.19 29.05
CA PHE B 159 -7.52 -19.32 30.12
C PHE B 159 -7.84 -18.32 31.19
N GLY B 160 -7.38 -18.61 32.38
CA GLY B 160 -7.45 -17.68 33.49
C GLY B 160 -6.15 -16.90 33.56
N LEU B 161 -6.15 -15.84 34.36
CA LEU B 161 -4.97 -15.05 34.65
C LEU B 161 -5.03 -14.74 36.13
N ALA B 162 -4.15 -15.40 36.92
CA ALA B 162 -4.03 -15.18 38.36
C ALA B 162 -3.13 -13.96 38.51
N VAL B 163 -3.58 -12.96 39.25
CA VAL B 163 -2.83 -11.72 39.47
C VAL B 163 -2.77 -11.46 40.99
N GLY B 164 -1.62 -11.04 41.49
CA GLY B 164 -1.50 -10.71 42.90
C GLY B 164 -0.13 -10.23 43.32
N HIS B 165 0.01 -10.01 44.64
CA HIS B 165 1.25 -9.55 45.26
C HIS B 165 2.10 -10.78 45.47
N PRO B 166 3.30 -10.87 44.84
CA PRO B 166 4.08 -12.11 44.99
C PRO B 166 4.57 -12.36 46.41
N ALA B 167 4.47 -13.62 46.87
CA ALA B 167 4.96 -14.07 48.17
C ALA B 167 6.38 -14.69 47.93
N ASN B 168 6.65 -15.12 46.68
CA ASN B 168 7.91 -15.72 46.22
C ASN B 168 8.10 -15.26 44.76
N LEU B 169 9.30 -14.74 44.44
CA LEU B 169 9.59 -14.22 43.10
C LEU B 169 10.04 -15.24 42.07
N SER B 170 10.28 -16.51 42.49
CA SER B 170 10.73 -17.58 41.61
C SER B 170 12.00 -17.13 40.79
N GLY B 171 12.12 -17.61 39.56
CA GLY B 171 13.23 -17.28 38.67
C GLY B 171 12.84 -17.37 37.20
N LYS B 172 13.61 -16.71 36.33
CA LYS B 172 13.36 -16.73 34.87
C LYS B 172 13.65 -18.08 34.23
N LYS B 173 12.89 -18.45 33.19
CA LYS B 173 13.10 -19.67 32.42
C LYS B 173 13.72 -19.28 31.07
N PRO B 174 14.88 -19.85 30.66
CA PRO B 174 15.48 -19.46 29.37
C PRO B 174 14.58 -19.78 28.18
N ARG B 175 14.61 -18.89 27.21
CA ARG B 175 13.82 -19.04 25.99
C ARG B 175 14.69 -19.61 24.89
N LEU B 176 14.07 -20.15 23.84
CA LEU B 176 14.77 -20.68 22.67
C LEU B 176 15.77 -19.67 22.14
N PRO B 177 16.92 -20.11 21.58
CA PRO B 177 17.84 -19.14 20.95
C PRO B 177 17.05 -18.36 19.89
N LYS B 178 17.40 -17.10 19.70
CA LYS B 178 16.75 -16.20 18.73
C LYS B 178 16.60 -16.84 17.34
N GLN B 179 17.68 -17.49 16.83
CA GLN B 179 17.74 -18.16 15.51
C GLN B 179 16.72 -19.29 15.36
N ALA B 180 16.25 -19.88 16.45
CA ALA B 180 15.24 -20.94 16.37
C ALA B 180 13.86 -20.34 16.08
N VAL B 181 13.57 -19.15 16.61
CA VAL B 181 12.24 -18.50 16.50
C VAL B 181 12.16 -17.45 15.39
N TYR B 182 13.23 -16.68 15.19
CA TYR B 182 13.26 -15.59 14.22
C TYR B 182 13.94 -16.02 12.93
N HIS B 183 13.26 -15.79 11.81
CA HIS B 183 13.69 -16.19 10.47
C HIS B 183 13.71 -14.93 9.59
N GLU B 184 14.66 -14.87 8.65
CA GLU B 184 14.77 -13.73 7.73
C GLU B 184 14.23 -14.08 6.37
N ASN B 185 13.14 -13.39 5.98
CA ASN B 185 12.42 -13.53 4.70
C ASN B 185 11.67 -14.81 4.44
N THR B 186 12.28 -15.96 4.77
CA THR B 186 11.66 -17.28 4.59
C THR B 186 11.97 -18.09 5.84
N TYR B 187 11.14 -19.10 6.10
CA TYR B 187 11.31 -20.01 7.24
C TYR B 187 12.57 -20.86 6.99
N ASN B 188 13.44 -20.96 7.98
CA ASN B 188 14.66 -21.74 7.85
C ASN B 188 14.39 -23.21 8.15
N VAL B 189 14.46 -24.06 7.11
CA VAL B 189 14.25 -25.51 7.24
C VAL B 189 15.57 -26.30 7.23
N ASN B 190 16.74 -25.59 7.21
CA ASN B 190 18.05 -26.25 7.20
C ASN B 190 18.24 -27.16 8.43
N THR B 191 18.39 -28.47 8.19
CA THR B 191 18.52 -29.50 9.24
C THR B 191 19.73 -29.32 10.15
N ASP B 192 20.89 -28.94 9.57
CA ASP B 192 22.10 -28.71 10.34
C ASP B 192 21.90 -27.55 11.31
N ASP B 193 21.27 -26.45 10.84
CA ASP B 193 20.98 -25.27 11.66
C ASP B 193 20.04 -25.65 12.79
N PHE B 194 19.00 -26.44 12.48
CA PHE B 194 18.01 -26.92 13.45
C PHE B 194 18.68 -27.74 14.56
N ARG B 195 19.49 -28.74 14.19
CA ARG B 195 20.19 -29.60 15.15
C ARG B 195 21.12 -28.84 16.05
N HIS B 196 21.89 -27.88 15.51
CA HIS B 196 22.83 -27.05 16.26
C HIS B 196 22.11 -26.19 17.30
N THR B 197 21.01 -25.53 16.89
CA THR B 197 20.23 -24.65 17.79
C THR B 197 19.53 -25.48 18.87
N ASN B 199 20.42 -28.52 19.99
CA ASN B 199 21.45 -29.10 20.87
C ASN B 199 21.90 -28.06 21.89
N THR B 200 22.12 -26.82 21.44
CA THR B 200 22.51 -25.70 22.30
C THR B 200 21.43 -25.45 23.36
N TYR B 201 20.16 -25.37 22.92
CA TYR B 201 19.03 -25.14 23.82
C TYR B 201 18.85 -26.27 24.80
N ASP B 202 18.93 -27.53 24.30
CA ASP B 202 18.81 -28.71 25.16
C ASP B 202 19.82 -28.74 26.30
N LYS B 203 21.06 -28.27 26.03
CA LYS B 203 22.14 -28.17 27.03
C LYS B 203 21.82 -27.05 28.01
N THR B 204 21.37 -25.87 27.51
CA THR B 204 20.97 -24.72 28.35
C THR B 204 19.89 -25.15 29.36
N ILE B 205 18.88 -25.89 28.88
CA ILE B 205 17.76 -26.34 29.71
C ILE B 205 18.16 -27.42 30.70
N SER B 206 18.91 -28.44 30.25
CA SER B 206 19.39 -29.50 31.14
C SER B 206 20.27 -28.88 32.26
N ASP B 207 21.18 -27.95 31.90
CA ASP B 207 22.01 -27.22 32.89
C ASP B 207 21.14 -26.41 33.85
N TYR B 208 20.10 -25.74 33.31
CA TYR B 208 19.15 -24.96 34.11
C TYR B 208 18.50 -25.82 35.21
N TYR B 209 17.93 -26.97 34.84
CA TYR B 209 17.27 -27.86 35.82
C TYR B 209 18.22 -28.44 36.84
N ARG B 210 19.47 -28.77 36.39
CA ARG B 210 20.52 -29.30 37.27
C ARG B 210 20.84 -28.27 38.38
N GLU B 211 20.87 -26.96 38.05
CA GLU B 211 21.12 -25.90 39.02
C GLU B 211 19.89 -25.60 39.91
N ARG B 212 18.69 -25.58 39.31
CA ARG B 212 17.41 -25.30 39.96
C ARG B 212 17.02 -26.33 41.04
N THR B 213 17.27 -27.62 40.76
CA THR B 213 16.92 -28.76 41.62
C THR B 213 18.12 -29.47 42.27
N ASN B 214 19.35 -28.98 42.00
CA ASN B 214 20.62 -29.53 42.48
C ASN B 214 20.86 -31.02 42.10
N GLY B 215 20.96 -31.26 40.78
CA GLY B 215 21.23 -32.58 40.19
C GLY B 215 20.08 -33.59 40.17
N LYS B 216 18.99 -33.33 40.90
CA LYS B 216 17.84 -34.24 40.97
C LYS B 216 16.92 -34.21 39.73
N ARG B 217 17.18 -33.31 38.76
CA ARG B 217 16.39 -33.14 37.55
C ARG B 217 17.30 -32.61 36.46
N GLU B 218 17.44 -33.37 35.36
CA GLU B 218 18.36 -32.99 34.29
C GLU B 218 17.76 -33.11 32.88
N GLU B 219 16.43 -33.09 32.76
CA GLU B 219 15.76 -33.22 31.47
C GLU B 219 16.10 -32.11 30.48
N THR B 220 16.12 -32.42 29.20
CA THR B 220 16.39 -31.43 28.18
C THR B 220 15.02 -30.86 27.77
N TRP B 221 15.03 -29.81 26.94
CA TRP B 221 13.78 -29.24 26.46
C TRP B 221 13.05 -30.22 25.53
N SER B 222 13.82 -30.98 24.70
CA SER B 222 13.33 -32.05 23.82
C SER B 222 12.60 -33.15 24.61
N ASP B 223 13.18 -33.56 25.77
CA ASP B 223 12.58 -34.58 26.64
C ASP B 223 11.25 -34.11 27.15
N GLN B 224 11.25 -32.85 27.58
CA GLN B 224 10.11 -32.21 28.19
C GLN B 224 8.97 -32.00 27.20
N ILE B 225 9.29 -31.57 25.95
CA ILE B 225 8.26 -31.43 24.89
C ILE B 225 7.74 -32.82 24.50
N LEU B 226 8.65 -33.82 24.32
CA LEU B 226 8.21 -35.17 23.97
C LEU B 226 7.24 -35.73 25.00
N ASN B 227 7.55 -35.57 26.30
CA ASN B 227 6.69 -36.04 27.38
C ASN B 227 5.39 -35.25 27.46
N PHE B 228 5.44 -33.93 27.14
CA PHE B 228 4.22 -33.12 27.10
C PHE B 228 3.32 -33.65 25.98
N LYS B 230 3.05 -36.58 24.51
CA LYS B 230 2.54 -37.92 24.80
C LYS B 230 1.55 -37.97 25.97
N GLN B 231 1.30 -36.82 26.65
CA GLN B 231 0.35 -36.66 27.76
C GLN B 231 -1.10 -36.97 27.35
N LYS B 232 -2.02 -37.04 28.33
CA LYS B 232 -3.47 -37.25 28.14
C LYS B 232 -3.95 -36.04 27.32
N PRO B 233 -4.35 -36.23 26.04
CA PRO B 233 -4.75 -35.07 25.24
C PRO B 233 -6.15 -34.59 25.54
N ARG B 234 -6.37 -33.28 25.34
CA ARG B 234 -7.67 -32.64 25.54
C ARG B 234 -8.39 -32.71 24.18
N THR B 235 -8.58 -33.96 23.70
CA THR B 235 -9.22 -34.29 22.42
C THR B 235 -10.70 -33.89 22.37
N TYR B 236 -11.40 -33.94 23.54
CA TYR B 236 -12.81 -33.57 23.68
C TYR B 236 -13.10 -32.14 23.15
N LEU B 237 -12.08 -31.26 23.15
CA LEU B 237 -12.24 -29.88 22.67
C LEU B 237 -12.59 -29.79 21.20
N ASN B 238 -12.20 -30.79 20.37
CA ASN B 238 -12.55 -30.83 18.94
C ASN B 238 -14.07 -30.70 18.79
N ASP B 239 -14.83 -31.45 19.61
CA ASP B 239 -16.30 -31.43 19.61
C ASP B 239 -16.88 -30.38 20.54
N TYR B 240 -16.27 -30.20 21.73
CA TYR B 240 -16.79 -29.23 22.69
C TYR B 240 -16.83 -27.76 22.20
N VAL B 241 -15.74 -27.28 21.57
CA VAL B 241 -15.75 -25.92 21.04
C VAL B 241 -16.92 -25.70 20.04
N LYS B 242 -17.25 -26.75 19.19
CA LYS B 242 -18.36 -26.76 18.22
C LYS B 242 -19.71 -26.64 18.93
N GLU B 243 -19.83 -27.28 20.10
CA GLU B 243 -21.02 -27.27 20.96
C GLU B 243 -21.29 -25.84 21.46
N LYS B 244 -20.22 -25.04 21.63
CA LYS B 244 -20.34 -23.64 22.07
C LYS B 244 -20.53 -22.65 20.92
N GLY B 245 -20.58 -23.16 19.70
CA GLY B 245 -20.79 -22.35 18.51
C GLY B 245 -19.53 -21.87 17.83
N PHE B 246 -18.37 -22.47 18.16
CA PHE B 246 -17.11 -22.09 17.55
C PHE B 246 -16.59 -23.22 16.76
N ASN B 247 -15.83 -22.92 15.72
CA ASN B 247 -15.11 -23.94 14.98
C ASN B 247 -16.00 -25.11 14.47
N LYS B 248 -17.33 -24.84 14.30
CA LYS B 248 -18.33 -25.78 13.78
C LYS B 248 -17.99 -26.05 12.31
N ASN B 249 -17.59 -24.96 11.60
CA ASN B 249 -17.14 -24.95 10.22
C ASN B 249 -18.16 -25.51 9.21
N ASN C 2 -15.05 0.13 -29.45
CA ASN C 2 -13.70 -0.25 -29.87
C ASN C 2 -13.11 -1.18 -28.85
N ASN C 3 -12.25 -2.09 -29.31
CA ASN C 3 -11.43 -2.91 -28.43
C ASN C 3 -10.32 -1.96 -27.88
N THR C 4 -9.95 -0.91 -28.66
CA THR C 4 -8.94 0.09 -28.27
C THR C 4 -9.43 0.87 -27.05
N ILE C 5 -10.66 1.41 -27.13
CA ILE C 5 -11.27 2.15 -26.02
C ILE C 5 -11.45 1.24 -24.81
N GLU C 6 -11.85 -0.03 -25.04
CA GLU C 6 -11.98 -0.99 -23.95
C GLU C 6 -10.63 -1.22 -23.26
N THR C 7 -9.55 -1.38 -24.02
CA THR C 7 -8.19 -1.51 -23.48
C THR C 7 -7.80 -0.24 -22.68
N ILE C 8 -8.03 0.94 -23.25
CA ILE C 8 -7.71 2.21 -22.56
C ILE C 8 -8.45 2.29 -21.21
N LEU C 9 -9.76 2.05 -21.20
CA LEU C 9 -10.59 2.14 -19.99
C LEU C 9 -10.30 1.02 -18.98
N ASN C 10 -9.75 -0.12 -19.45
CA ASN C 10 -9.42 -1.28 -18.59
C ASN C 10 -8.07 -1.11 -17.82
N HIS C 11 -7.30 -0.06 -18.15
CA HIS C 11 -5.99 0.17 -17.54
C HIS C 11 -5.95 0.13 -16.01
N ARG C 12 -4.90 -0.50 -15.51
CA ARG C 12 -4.44 -0.51 -14.13
C ARG C 12 -2.94 -0.78 -14.20
N SER C 13 -2.19 -0.17 -13.29
CA SER C 13 -0.75 -0.35 -13.18
C SER C 13 -0.47 -1.79 -12.74
N ILE C 14 0.48 -2.46 -13.43
CA ILE C 14 0.87 -3.83 -13.09
C ILE C 14 2.22 -3.77 -12.39
N ARG C 15 2.30 -4.36 -11.20
CA ARG C 15 3.55 -4.31 -10.42
C ARG C 15 4.08 -5.72 -10.10
N SER C 16 3.46 -6.74 -10.72
CA SER C 16 3.83 -8.15 -10.56
C SER C 16 3.90 -8.79 -11.94
N PHE C 17 5.12 -9.08 -12.38
CA PHE C 17 5.40 -9.66 -13.70
C PHE C 17 5.99 -11.06 -13.59
N THR C 18 5.84 -11.85 -14.68
CA THR C 18 6.48 -13.17 -14.77
C THR C 18 7.94 -12.89 -15.18
N ASP C 19 8.78 -13.97 -15.21
CA ASP C 19 10.18 -13.84 -15.61
C ASP C 19 10.37 -13.77 -17.14
N GLN C 20 9.27 -13.87 -17.92
CA GLN C 20 9.34 -13.82 -19.39
C GLN C 20 9.77 -12.45 -19.89
N LEU C 21 10.94 -12.38 -20.53
CA LEU C 21 11.45 -11.14 -21.10
C LEU C 21 10.71 -10.79 -22.38
N LEU C 22 10.64 -9.49 -22.72
CA LEU C 22 9.99 -9.08 -23.96
C LEU C 22 10.89 -9.53 -25.10
N THR C 23 10.29 -9.88 -26.23
CA THR C 23 11.06 -10.28 -27.42
C THR C 23 11.56 -9.00 -28.13
N ALA C 24 12.56 -9.14 -29.02
CA ALA C 24 13.06 -8.00 -29.81
C ALA C 24 11.95 -7.42 -30.69
N GLU C 25 11.02 -8.26 -31.19
CA GLU C 25 9.88 -7.84 -32.02
C GLU C 25 8.90 -6.98 -31.18
N GLU C 26 8.67 -7.39 -29.92
CA GLU C 26 7.76 -6.66 -29.02
C GLU C 26 8.36 -5.29 -28.71
N ILE C 27 9.67 -5.25 -28.37
CA ILE C 27 10.40 -4.01 -28.07
C ILE C 27 10.34 -3.09 -29.31
N ASP C 28 10.58 -3.66 -30.51
CA ASP C 28 10.54 -2.90 -31.75
C ASP C 28 9.16 -2.24 -31.96
N THR C 29 8.08 -3.02 -31.79
CA THR C 29 6.69 -2.55 -31.93
C THR C 29 6.39 -1.44 -30.92
N LEU C 30 6.81 -1.64 -29.65
CA LEU C 30 6.62 -0.66 -28.57
C LEU C 30 7.30 0.66 -28.89
N VAL C 31 8.58 0.61 -29.36
CA VAL C 31 9.35 1.80 -29.72
C VAL C 31 8.70 2.54 -30.90
N LYS C 32 8.36 1.81 -31.97
CA LYS C 32 7.70 2.41 -33.15
C LYS C 32 6.36 3.06 -32.74
N SER C 33 5.60 2.40 -31.83
CA SER C 33 4.33 2.93 -31.33
C SER C 33 4.56 4.24 -30.60
N ALA C 34 5.58 4.27 -29.72
CA ALA C 34 5.96 5.47 -28.98
C ALA C 34 6.31 6.62 -29.96
N GLN C 35 7.15 6.32 -30.98
CA GLN C 35 7.57 7.32 -31.96
C GLN C 35 6.43 7.88 -32.80
N ALA C 36 5.34 7.11 -33.00
CA ALA C 36 4.18 7.50 -33.83
C ALA C 36 3.35 8.63 -33.19
N ALA C 37 3.60 8.96 -31.90
CA ALA C 37 2.85 10.03 -31.23
C ALA C 37 3.12 11.38 -31.92
N SER C 38 2.18 12.30 -31.82
CA SER C 38 2.35 13.68 -32.29
C SER C 38 3.56 14.26 -31.55
N THR C 39 4.19 15.26 -32.15
CA THR C 39 5.40 15.88 -31.62
C THR C 39 5.41 17.36 -32.01
N SER C 40 5.57 18.24 -31.00
CA SER C 40 5.58 19.70 -31.19
C SER C 40 6.63 20.10 -32.22
N SER C 41 6.21 20.84 -33.26
CA SER C 41 7.06 21.33 -34.35
C SER C 41 7.97 20.24 -34.95
N TYR C 42 7.54 18.95 -34.90
CA TYR C 42 8.26 17.79 -35.47
C TYR C 42 9.61 17.54 -34.76
N VAL C 43 9.84 18.20 -33.61
CA VAL C 43 11.14 18.13 -32.92
C VAL C 43 11.53 16.80 -32.34
N GLN C 44 10.54 15.94 -31.96
CA GLN C 44 10.75 14.61 -31.36
C GLN C 44 11.79 14.71 -30.24
N ALA C 45 11.51 15.63 -29.27
CA ALA C 45 12.43 16.00 -28.19
C ALA C 45 12.56 14.99 -27.04
N TYR C 46 12.81 13.73 -27.39
CA TYR C 46 12.94 12.69 -26.39
C TYR C 46 13.89 11.58 -26.84
N SER C 47 14.28 10.73 -25.85
CA SER C 47 15.04 9.52 -26.06
C SER C 47 14.48 8.47 -25.13
N ILE C 48 14.60 7.20 -25.55
CA ILE C 48 14.10 6.05 -24.79
C ILE C 48 15.29 5.13 -24.57
N ILE C 49 15.59 4.83 -23.33
CA ILE C 49 16.68 3.93 -23.01
C ILE C 49 16.08 2.61 -22.55
N GLY C 50 16.33 1.56 -23.34
CA GLY C 50 15.85 0.22 -23.02
C GLY C 50 16.86 -0.48 -22.16
N VAL C 51 16.51 -0.71 -20.88
CA VAL C 51 17.42 -1.31 -19.91
C VAL C 51 17.12 -2.80 -19.74
N SER C 52 17.99 -3.67 -20.27
CA SER C 52 17.87 -5.12 -20.16
C SER C 52 19.02 -5.72 -19.31
N ASP C 53 20.11 -4.96 -19.08
CA ASP C 53 21.25 -5.39 -18.27
C ASP C 53 20.78 -5.63 -16.81
N PRO C 54 20.82 -6.89 -16.31
CA PRO C 54 20.35 -7.17 -14.94
C PRO C 54 20.95 -6.30 -13.85
N GLU C 55 22.26 -5.99 -13.92
CA GLU C 55 22.91 -5.12 -12.94
C GLU C 55 22.34 -3.70 -12.96
N LYS C 56 22.10 -3.14 -14.17
CA LYS C 56 21.52 -1.79 -14.28
C LYS C 56 20.06 -1.76 -13.82
N LYS C 57 19.29 -2.79 -14.12
CA LYS C 57 17.89 -2.89 -13.67
C LYS C 57 17.84 -2.93 -12.12
N ARG C 58 18.80 -3.68 -11.51
CA ARG C 58 18.93 -3.78 -10.05
C ARG C 58 19.27 -2.45 -9.42
N GLU C 59 20.24 -1.69 -9.99
CA GLU C 59 20.65 -0.36 -9.50
C GLU C 59 19.47 0.64 -9.58
N LEU C 60 18.77 0.65 -10.73
CA LEU C 60 17.64 1.55 -10.94
C LEU C 60 16.51 1.24 -9.97
N SER C 61 16.34 -0.05 -9.64
CA SER C 61 15.30 -0.54 -8.70
C SER C 61 15.55 0.06 -7.30
N VAL C 62 16.83 0.13 -6.90
CA VAL C 62 17.27 0.72 -5.63
C VAL C 62 17.09 2.25 -5.67
N LEU C 63 17.61 2.90 -6.72
CA LEU C 63 17.50 4.37 -6.86
C LEU C 63 16.05 4.86 -6.94
N ALA C 64 15.14 4.03 -7.48
CA ALA C 64 13.71 4.35 -7.56
C ALA C 64 12.96 4.20 -6.21
N GLY C 65 13.69 3.79 -5.18
CA GLY C 65 13.15 3.61 -3.84
C GLY C 65 12.79 2.18 -3.52
N ASN C 66 13.59 1.22 -4.02
CA ASN C 66 13.40 -0.23 -3.82
C ASN C 66 12.07 -0.71 -4.34
N GLN C 67 11.82 -0.50 -5.66
CA GLN C 67 10.60 -0.92 -6.36
C GLN C 67 11.01 -2.15 -7.14
N PRO C 68 10.64 -3.35 -6.66
CA PRO C 68 11.13 -4.61 -7.28
C PRO C 68 10.73 -4.84 -8.72
N TYR C 69 9.60 -4.27 -9.12
CA TYR C 69 9.08 -4.36 -10.49
C TYR C 69 9.89 -3.52 -11.51
N VAL C 70 10.90 -2.77 -11.03
CA VAL C 70 11.87 -2.03 -11.87
C VAL C 70 12.89 -3.09 -12.36
N GLU C 71 13.19 -4.09 -11.50
CA GLU C 71 14.13 -5.19 -11.77
C GLU C 71 13.41 -6.40 -12.40
N LYS C 72 12.32 -6.85 -11.78
CA LYS C 72 11.56 -8.01 -12.23
C LYS C 72 10.42 -7.61 -13.17
N ASN C 73 10.69 -7.61 -14.47
CA ASN C 73 9.76 -7.27 -15.54
C ASN C 73 10.31 -7.86 -16.88
N GLY C 74 9.59 -7.62 -17.97
CA GLY C 74 9.99 -8.08 -19.30
C GLY C 74 11.04 -7.20 -19.96
N HIS C 75 11.08 -5.91 -19.57
CA HIS C 75 11.98 -4.87 -20.05
C HIS C 75 11.72 -3.60 -19.25
N PHE C 76 12.77 -2.80 -19.03
CA PHE C 76 12.62 -1.52 -18.35
C PHE C 76 13.02 -0.38 -19.30
N PHE C 77 12.04 0.47 -19.65
CA PHE C 77 12.30 1.61 -20.52
C PHE C 77 12.45 2.88 -19.70
N VAL C 78 13.41 3.74 -20.07
CA VAL C 78 13.54 5.03 -19.38
C VAL C 78 13.29 6.12 -20.40
N PHE C 79 12.26 6.96 -20.14
CA PHE C 79 11.91 8.07 -21.02
C PHE C 79 12.64 9.29 -20.59
N CYS C 80 13.32 9.94 -21.55
CA CYS C 80 14.09 11.16 -21.27
C CYS C 80 13.62 12.31 -22.12
N ALA C 81 13.65 13.52 -21.54
CA ALA C 81 13.53 14.75 -22.30
C ALA C 81 14.90 14.86 -23.00
N ASP C 82 14.92 15.17 -24.30
CA ASP C 82 16.21 15.21 -25.01
C ASP C 82 16.32 16.41 -25.94
N LEU C 83 17.19 17.35 -25.57
CA LEU C 83 17.54 18.51 -26.39
C LEU C 83 19.02 18.45 -26.78
N TYR C 84 19.66 17.31 -26.44
CA TYR C 84 21.07 17.04 -26.80
C TYR C 84 21.18 16.84 -28.29
N ARG C 85 20.23 16.09 -28.88
CA ARG C 85 20.13 15.83 -30.32
C ARG C 85 20.14 17.18 -31.08
N HIS C 86 19.32 18.12 -30.60
CA HIS C 86 19.12 19.46 -31.16
C HIS C 86 20.38 20.34 -30.98
N GLN C 87 20.98 20.29 -29.77
CA GLN C 87 22.24 21.01 -29.48
C GLN C 87 23.35 20.52 -30.41
N GLN C 88 23.49 19.18 -30.59
CA GLN C 88 24.53 18.58 -31.44
C GLN C 88 24.33 18.90 -32.93
N LEU C 89 23.07 18.93 -33.39
CA LEU C 89 22.77 19.30 -34.78
C LEU C 89 23.12 20.75 -35.02
N ALA C 90 22.81 21.64 -34.04
CA ALA C 90 23.11 23.07 -34.09
C ALA C 90 24.63 23.30 -34.14
N GLU C 91 25.38 22.62 -33.23
CA GLU C 91 26.85 22.71 -33.17
C GLU C 91 27.49 22.32 -34.51
N GLU C 92 27.02 21.21 -35.12
CA GLU C 92 27.50 20.71 -36.41
C GLU C 92 27.26 21.70 -37.57
N LYS C 93 26.27 22.59 -37.42
CA LYS C 93 25.88 23.58 -38.44
C LYS C 93 26.46 24.97 -38.21
N GLY C 94 27.13 25.17 -37.08
CA GLY C 94 27.70 26.46 -36.71
C GLY C 94 26.66 27.40 -36.12
N GLU C 95 25.56 26.83 -35.60
CA GLU C 95 24.49 27.60 -34.96
C GLU C 95 24.76 27.65 -33.47
N HIS C 96 24.49 28.81 -32.86
CA HIS C 96 24.70 29.04 -31.43
C HIS C 96 23.34 29.42 -30.85
N ILE C 97 22.57 28.39 -30.46
CA ILE C 97 21.20 28.54 -29.94
C ILE C 97 20.96 27.87 -28.57
N SER C 98 22.01 27.75 -27.73
CA SER C 98 21.93 27.14 -26.39
C SER C 98 20.84 27.77 -25.52
N GLU C 99 20.69 29.10 -25.61
CA GLU C 99 19.73 29.95 -24.89
C GLU C 99 18.28 29.51 -25.09
N LEU C 100 17.88 29.21 -26.36
CA LEU C 100 16.50 28.77 -26.61
C LEU C 100 16.22 27.37 -26.10
N LEU C 101 17.26 26.52 -26.04
CA LEU C 101 17.17 25.16 -25.51
C LEU C 101 17.07 25.14 -23.98
N GLU C 102 17.43 26.26 -23.33
CA GLU C 102 17.40 26.42 -21.88
C GLU C 102 16.12 27.05 -21.36
N ASN C 103 15.25 27.57 -22.23
CA ASN C 103 14.06 28.22 -21.69
C ASN C 103 12.93 27.27 -21.21
N THR C 104 11.92 27.84 -20.55
CA THR C 104 10.77 27.11 -20.00
C THR C 104 10.00 26.45 -21.15
N GLU C 105 9.82 27.18 -22.25
CA GLU C 105 9.10 26.70 -23.43
C GLU C 105 9.65 25.36 -23.92
N PHE C 107 11.58 23.26 -22.30
CA PHE C 107 11.45 22.28 -21.22
C PHE C 107 10.03 21.66 -21.28
N VAL C 109 8.06 21.61 -23.97
CA VAL C 109 8.00 20.88 -25.24
C VAL C 109 8.57 19.45 -25.07
N SER C 110 9.79 19.32 -24.50
CA SER C 110 10.44 18.03 -24.35
C SER C 110 9.73 17.08 -23.38
N LEU C 111 9.17 17.63 -22.27
CA LEU C 111 8.42 16.79 -21.30
C LEU C 111 7.14 16.26 -21.93
N ILE C 112 6.39 17.13 -22.64
CA ILE C 112 5.15 16.73 -23.31
C ILE C 112 5.43 15.69 -24.41
N ASP C 113 6.46 15.93 -25.23
CA ASP C 113 6.83 14.99 -26.32
C ASP C 113 7.11 13.61 -25.76
N ALA C 114 7.94 13.53 -24.69
CA ALA C 114 8.30 12.27 -24.05
C ALA C 114 7.09 11.57 -23.45
N ALA C 115 6.19 12.32 -22.79
CA ALA C 115 4.98 11.76 -22.18
C ALA C 115 4.02 11.20 -23.25
N LEU C 116 3.80 11.92 -24.37
CA LEU C 116 2.92 11.40 -25.43
C LEU C 116 3.47 10.09 -25.98
N ALA C 117 4.82 10.02 -26.17
CA ALA C 117 5.45 8.81 -26.69
C ALA C 117 5.26 7.65 -25.68
N ALA C 118 5.46 7.93 -24.37
CA ALA C 118 5.31 6.89 -23.35
C ALA C 118 3.89 6.36 -23.27
N GLN C 119 2.90 7.23 -23.40
CA GLN C 119 1.51 6.78 -23.35
C GLN C 119 1.11 5.94 -24.56
N ASN C 120 1.70 6.25 -25.73
CA ASN C 120 1.48 5.41 -26.92
C ASN C 120 2.09 4.02 -26.67
N SER C 122 2.51 2.64 -23.72
CA SER C 122 1.69 2.01 -22.70
C SER C 122 0.45 1.34 -23.32
N ILE C 123 -0.27 2.08 -24.19
CA ILE C 123 -1.47 1.57 -24.87
C ILE C 123 -1.11 0.40 -25.78
N ALA C 124 -0.02 0.53 -26.52
CA ALA C 124 0.44 -0.56 -27.40
C ALA C 124 0.73 -1.81 -26.55
N ALA C 125 1.46 -1.66 -25.41
CA ALA C 125 1.78 -2.81 -24.52
C ALA C 125 0.51 -3.47 -23.97
N GLU C 126 -0.40 -2.64 -23.45
CA GLU C 126 -1.68 -3.11 -22.90
C GLU C 126 -2.56 -3.81 -23.92
N SER C 127 -2.54 -3.34 -25.20
CA SER C 127 -3.30 -4.00 -26.28
C SER C 127 -2.77 -5.41 -26.58
N GLY C 129 -1.74 -7.44 -24.28
CA GLY C 129 -1.97 -8.21 -23.05
C GLY C 129 -0.82 -8.05 -22.09
N LEU C 130 0.11 -7.12 -22.35
CA LEU C 130 1.20 -6.88 -21.40
C LEU C 130 0.73 -5.88 -20.33
N GLY C 131 1.41 -5.87 -19.21
CA GLY C 131 1.15 -4.92 -18.13
C GLY C 131 2.24 -3.86 -18.11
N ILE C 132 1.89 -2.67 -17.62
CA ILE C 132 2.84 -1.55 -17.52
C ILE C 132 2.72 -0.88 -16.16
N CYS C 133 3.81 -0.21 -15.75
CA CYS C 133 3.82 0.67 -14.59
C CYS C 133 4.82 1.76 -14.83
N TYR C 134 4.36 3.02 -14.79
CA TYR C 134 5.26 4.18 -14.88
C TYR C 134 6.05 4.26 -13.59
N ILE C 135 7.33 4.67 -13.66
CA ILE C 135 8.23 4.76 -12.52
C ILE C 135 8.86 6.15 -12.41
N GLY C 136 8.17 7.04 -11.72
CA GLY C 136 8.66 8.38 -11.45
C GLY C 136 9.67 8.40 -10.32
N GLY C 137 9.75 7.27 -9.57
CA GLY C 137 10.69 7.04 -8.47
C GLY C 137 12.15 7.27 -8.83
N ILE C 138 12.52 7.09 -10.12
CA ILE C 138 13.89 7.38 -10.58
C ILE C 138 14.28 8.87 -10.32
N ARG C 139 13.26 9.78 -10.18
CA ARG C 139 13.50 11.21 -9.91
C ARG C 139 13.94 11.49 -8.45
N ASN C 140 14.00 10.44 -7.60
CA ASN C 140 14.52 10.57 -6.23
C ASN C 140 16.04 10.85 -6.27
N GLU C 141 16.75 10.19 -7.21
CA GLU C 141 18.21 10.18 -7.37
C GLU C 141 18.62 10.35 -8.84
N LEU C 142 18.23 11.46 -9.50
CA LEU C 142 18.56 11.67 -10.92
C LEU C 142 20.05 11.70 -11.24
N ASP C 143 20.86 12.31 -10.38
CA ASP C 143 22.31 12.35 -10.61
C ASP C 143 22.90 10.93 -10.74
N LYS C 144 22.46 9.99 -9.88
CA LYS C 144 22.91 8.59 -9.96
C LYS C 144 22.29 7.83 -11.13
N VAL C 145 21.02 8.14 -11.45
CA VAL C 145 20.32 7.54 -12.60
C VAL C 145 21.05 7.92 -13.89
N THR C 146 21.45 9.21 -14.01
CA THR C 146 22.22 9.71 -15.16
C THR C 146 23.53 8.95 -15.31
N GLU C 147 24.18 8.56 -14.18
CA GLU C 147 25.43 7.80 -14.20
C GLU C 147 25.18 6.35 -14.67
N VAL C 148 24.08 5.71 -14.20
CA VAL C 148 23.74 4.34 -14.63
C VAL C 148 23.48 4.32 -16.17
N LEU C 149 22.71 5.32 -16.65
CA LEU C 149 22.33 5.43 -18.05
C LEU C 149 23.33 6.15 -18.95
N GLN C 150 24.34 6.80 -18.35
CA GLN C 150 25.38 7.57 -19.05
C GLN C 150 24.75 8.61 -19.99
N THR C 151 23.75 9.33 -19.49
CA THR C 151 23.06 10.34 -20.28
C THR C 151 23.89 11.61 -20.32
N PRO C 152 24.00 12.26 -21.50
CA PRO C 152 24.82 13.48 -21.58
C PRO C 152 24.07 14.72 -21.09
N ASP C 153 24.67 15.91 -21.29
CA ASP C 153 23.98 17.14 -20.92
C ASP C 153 22.79 17.32 -21.88
N HIS C 154 21.75 18.07 -21.46
CA HIS C 154 20.52 18.33 -22.24
C HIS C 154 19.66 17.05 -22.47
N VAL C 155 19.87 16.05 -21.58
CA VAL C 155 19.10 14.80 -21.52
C VAL C 155 18.66 14.63 -20.07
N LEU C 156 17.35 14.63 -19.85
CA LEU C 156 16.82 14.51 -18.51
C LEU C 156 15.93 13.27 -18.36
N PRO C 157 16.35 12.24 -17.57
CA PRO C 157 15.44 11.10 -17.33
C PRO C 157 14.21 11.60 -16.58
N LEU C 158 13.02 11.21 -17.04
CA LEU C 158 11.76 11.70 -16.46
C LEU C 158 11.08 10.63 -15.63
N PHE C 159 10.99 9.42 -16.20
CA PHE C 159 10.35 8.28 -15.55
C PHE C 159 10.72 7.03 -16.33
N GLY C 160 10.64 5.93 -15.64
CA GLY C 160 10.80 4.62 -16.25
C GLY C 160 9.42 4.09 -16.61
N LEU C 161 9.41 3.01 -17.39
CA LEU C 161 8.20 2.31 -17.74
C LEU C 161 8.54 0.84 -17.67
N ALA C 162 8.03 0.16 -16.64
CA ALA C 162 8.24 -1.28 -16.46
C ALA C 162 7.17 -1.95 -17.30
N VAL C 163 7.59 -2.90 -18.16
CA VAL C 163 6.68 -3.60 -19.09
C VAL C 163 6.93 -5.09 -18.92
N GLY C 164 5.87 -5.89 -18.92
CA GLY C 164 6.03 -7.33 -18.82
C GLY C 164 4.74 -8.10 -18.90
N HIS C 165 4.85 -9.45 -18.77
CA HIS C 165 3.69 -10.35 -18.77
C HIS C 165 3.16 -10.33 -17.34
N PRO C 166 1.90 -9.93 -17.10
CA PRO C 166 1.42 -9.87 -15.72
C PRO C 166 1.33 -11.23 -15.05
N ALA C 167 1.77 -11.30 -13.79
CA ALA C 167 1.67 -12.49 -12.93
C ALA C 167 0.41 -12.35 -12.08
N ASN C 168 -0.05 -11.08 -11.89
CA ASN C 168 -1.26 -10.74 -11.13
C ASN C 168 -1.85 -9.49 -11.81
N LEU C 169 -3.16 -9.50 -12.04
CA LEU C 169 -3.84 -8.44 -12.77
C LEU C 169 -4.24 -7.23 -11.94
N SER C 170 -4.15 -7.33 -10.59
CA SER C 170 -4.52 -6.24 -9.67
C SER C 170 -5.99 -5.81 -9.95
N GLY C 171 -6.29 -4.53 -9.81
CA GLY C 171 -7.63 -4.01 -10.06
C GLY C 171 -7.64 -2.55 -10.41
N LYS C 172 -8.71 -2.07 -11.04
CA LYS C 172 -8.86 -0.64 -11.42
C LYS C 172 -9.12 0.25 -10.22
N LYS C 173 -8.56 1.47 -10.28
CA LYS C 173 -8.70 2.51 -9.25
C LYS C 173 -9.63 3.58 -9.79
N PRO C 174 -10.69 3.95 -9.02
CA PRO C 174 -11.62 4.97 -9.54
C PRO C 174 -10.95 6.33 -9.78
N ARG C 175 -11.37 7.00 -10.85
CA ARG C 175 -10.85 8.33 -11.17
C ARG C 175 -11.81 9.39 -10.66
N LEU C 176 -11.34 10.64 -10.58
CA LEU C 176 -12.16 11.77 -10.16
C LEU C 176 -13.48 11.81 -10.95
N PRO C 177 -14.60 12.26 -10.34
CA PRO C 177 -15.84 12.41 -11.13
C PRO C 177 -15.54 13.32 -12.32
N LYS C 178 -16.18 13.05 -13.45
CA LYS C 178 -16.00 13.78 -14.71
C LYS C 178 -16.05 15.30 -14.51
N GLN C 179 -17.06 15.80 -13.73
CA GLN C 179 -17.29 17.24 -13.45
C GLN C 179 -16.13 17.90 -12.73
N ALA C 180 -15.28 17.12 -12.01
CA ALA C 180 -14.12 17.69 -11.34
C ALA C 180 -13.03 18.05 -12.36
N VAL C 181 -12.90 17.22 -13.41
CA VAL C 181 -11.80 17.34 -14.39
C VAL C 181 -12.20 18.07 -15.66
N TYR C 182 -13.41 17.82 -16.14
CA TYR C 182 -13.91 18.36 -17.41
C TYR C 182 -14.77 19.59 -17.17
N HIS C 183 -14.42 20.70 -17.86
CA HIS C 183 -15.07 22.01 -17.73
C HIS C 183 -15.62 22.47 -19.09
N GLU C 184 -16.86 22.95 -19.14
CA GLU C 184 -17.44 23.39 -20.42
C GLU C 184 -17.20 24.85 -20.64
N ASN C 185 -16.39 25.16 -21.68
CA ASN C 185 -16.02 26.53 -22.10
C ASN C 185 -15.10 27.31 -21.21
N THR C 186 -15.36 27.29 -19.89
CA THR C 186 -14.57 27.98 -18.89
C THR C 186 -14.41 27.07 -17.69
N TYR C 187 -13.33 27.27 -16.95
CA TYR C 187 -13.00 26.53 -15.73
C TYR C 187 -14.06 26.88 -14.64
N ASN C 188 -14.62 25.85 -13.98
CA ASN C 188 -15.60 26.08 -12.91
C ASN C 188 -14.86 26.27 -11.56
N VAL C 189 -14.93 27.50 -11.00
CA VAL C 189 -14.24 27.84 -9.74
C VAL C 189 -15.19 27.83 -8.51
N ASN C 190 -16.46 27.48 -8.72
CA ASN C 190 -17.46 27.51 -7.64
C ASN C 190 -17.08 26.56 -6.49
N THR C 191 -16.84 27.14 -5.29
CA THR C 191 -16.42 26.41 -4.08
C THR C 191 -17.41 25.34 -3.61
N ASP C 192 -18.72 25.64 -3.65
CA ASP C 192 -19.75 24.68 -3.25
C ASP C 192 -19.74 23.45 -4.16
N ASP C 193 -19.61 23.68 -5.48
CA ASP C 193 -19.53 22.62 -6.49
C ASP C 193 -18.29 21.77 -6.25
N PHE C 194 -17.15 22.41 -5.98
CA PHE C 194 -15.87 21.75 -5.69
C PHE C 194 -15.99 20.84 -4.46
N ARG C 195 -16.52 21.38 -3.33
CA ARG C 195 -16.67 20.63 -2.09
C ARG C 195 -17.57 19.43 -2.23
N HIS C 196 -18.68 19.56 -2.96
CA HIS C 196 -19.64 18.47 -3.20
C HIS C 196 -18.99 17.31 -4.01
N THR C 197 -18.27 17.67 -5.08
CA THR C 197 -17.58 16.70 -5.91
C THR C 197 -16.46 15.99 -5.14
N ASN C 199 -16.09 15.72 -1.84
CA ASN C 199 -16.66 14.91 -0.76
C ASN C 199 -17.14 13.57 -1.32
N THR C 200 -17.78 13.60 -2.48
CA THR C 200 -18.26 12.39 -3.18
C THR C 200 -17.06 11.47 -3.50
N TYR C 201 -16.01 12.05 -4.11
CA TYR C 201 -14.81 11.28 -4.46
C TYR C 201 -14.11 10.72 -3.24
N ASP C 202 -13.94 11.52 -2.19
CA ASP C 202 -13.30 11.07 -0.94
C ASP C 202 -14.03 9.88 -0.31
N LYS C 203 -15.39 9.86 -0.40
CA LYS C 203 -16.20 8.75 0.09
C LYS C 203 -16.00 7.52 -0.80
N THR C 204 -16.00 7.70 -2.15
CA THR C 204 -15.74 6.61 -3.11
C THR C 204 -14.40 5.94 -2.82
N ILE C 205 -13.35 6.75 -2.60
CA ILE C 205 -11.99 6.25 -2.33
C ILE C 205 -11.85 5.58 -0.95
N SER C 206 -12.37 6.25 0.09
CA SER C 206 -12.34 5.69 1.45
C SER C 206 -13.07 4.32 1.43
N ASP C 207 -14.28 4.26 0.81
CA ASP C 207 -15.05 3.00 0.67
C ASP C 207 -14.27 1.96 -0.10
N TYR C 208 -13.61 2.37 -1.21
CA TYR C 208 -12.77 1.50 -2.05
C TYR C 208 -11.68 0.82 -1.19
N TYR C 209 -10.95 1.60 -0.36
CA TYR C 209 -9.90 1.03 0.52
C TYR C 209 -10.50 0.15 1.65
N ARG C 210 -11.63 0.57 2.26
CA ARG C 210 -12.32 -0.20 3.33
C ARG C 210 -12.78 -1.57 2.88
N GLU C 211 -13.37 -1.64 1.66
CA GLU C 211 -13.89 -2.88 1.05
C GLU C 211 -12.82 -3.98 0.89
N ARG C 212 -11.56 -3.60 0.71
CA ARG C 212 -10.44 -4.51 0.47
C ARG C 212 -9.66 -4.87 1.74
N THR C 213 -9.95 -4.18 2.85
CA THR C 213 -9.16 -4.36 4.08
C THR C 213 -10.03 -4.57 5.31
N ASN C 214 -11.22 -5.20 5.17
CA ASN C 214 -12.17 -5.39 6.29
C ASN C 214 -12.48 -4.09 7.03
N GLY C 215 -12.56 -2.99 6.26
CA GLY C 215 -12.85 -1.66 6.79
C GLY C 215 -11.73 -0.95 7.52
N LYS C 216 -10.51 -1.54 7.53
CA LYS C 216 -9.38 -1.00 8.28
CA LYS C 216 -9.37 -1.01 8.28
C LYS C 216 -8.55 0.09 7.63
N ARG C 217 -8.39 0.07 6.30
CA ARG C 217 -7.68 1.13 5.60
C ARG C 217 -8.82 2.05 5.16
N GLU C 218 -8.88 3.28 5.70
CA GLU C 218 -10.01 4.12 5.37
C GLU C 218 -9.68 5.52 4.89
N GLU C 219 -8.42 5.78 4.54
CA GLU C 219 -8.00 7.10 4.06
C GLU C 219 -8.78 7.57 2.81
N THR C 220 -9.01 8.89 2.76
CA THR C 220 -9.71 9.53 1.65
C THR C 220 -8.64 9.85 0.60
N TRP C 221 -9.06 10.19 -0.62
CA TRP C 221 -8.14 10.58 -1.68
C TRP C 221 -7.38 11.85 -1.30
N SER C 222 -8.10 12.89 -0.85
CA SER C 222 -7.49 14.19 -0.53
C SER C 222 -6.42 14.07 0.55
N ASP C 223 -6.65 13.22 1.57
CA ASP C 223 -5.64 12.99 2.60
C ASP C 223 -4.43 12.23 2.04
N GLN C 224 -4.67 11.19 1.21
CA GLN C 224 -3.62 10.38 0.60
C GLN C 224 -2.73 11.23 -0.33
N ILE C 225 -3.33 11.98 -1.28
CA ILE C 225 -2.54 12.76 -2.23
C ILE C 225 -1.68 13.84 -1.61
N LEU C 226 -2.23 14.53 -0.60
CA LEU C 226 -1.49 15.58 0.12
C LEU C 226 -0.30 15.00 0.88
N ASN C 227 -0.44 13.79 1.47
CA ASN C 227 0.67 13.11 2.13
C ASN C 227 1.75 12.73 1.11
N PHE C 228 1.35 12.28 -0.11
CA PHE C 228 2.27 11.90 -1.18
C PHE C 228 3.17 13.08 -1.61
N LYS C 230 3.91 15.80 0.10
CA LYS C 230 4.71 16.23 1.26
C LYS C 230 5.88 15.26 1.47
N GLN C 231 5.67 13.96 1.17
CA GLN C 231 6.67 12.91 1.31
C GLN C 231 7.69 12.88 0.15
N LYS C 232 7.28 13.22 -1.08
CA LYS C 232 8.19 13.23 -2.24
C LYS C 232 8.37 14.64 -2.83
N PRO C 233 8.83 15.67 -2.06
CA PRO C 233 8.92 17.02 -2.66
C PRO C 233 9.98 17.16 -3.73
N ARG C 234 11.10 16.40 -3.62
CA ARG C 234 12.22 16.40 -4.56
C ARG C 234 12.64 17.83 -4.94
N THR C 235 12.76 18.72 -3.93
CA THR C 235 13.11 20.15 -4.11
C THR C 235 14.42 20.38 -4.87
N TYR C 236 15.39 19.44 -4.74
CA TYR C 236 16.70 19.47 -5.40
C TYR C 236 16.57 19.59 -6.94
N LEU C 237 15.41 19.15 -7.50
CA LEU C 237 15.18 19.21 -8.94
C LEU C 237 15.12 20.64 -9.48
N ASN C 238 14.75 21.63 -8.64
CA ASN C 238 14.73 23.06 -9.02
C ASN C 238 16.10 23.46 -9.58
N ASP C 239 17.18 23.04 -8.90
CA ASP C 239 18.55 23.29 -9.33
C ASP C 239 19.10 22.21 -10.23
N TYR C 240 18.80 20.93 -9.96
CA TYR C 240 19.33 19.82 -10.77
C TYR C 240 18.93 19.89 -12.25
N VAL C 241 17.68 20.26 -12.54
CA VAL C 241 17.15 20.40 -13.91
C VAL C 241 17.98 21.44 -14.69
N LYS C 242 18.31 22.55 -14.03
CA LYS C 242 19.13 23.66 -14.55
C LYS C 242 20.55 23.19 -14.84
N GLU C 243 21.13 22.35 -13.95
CA GLU C 243 22.47 21.75 -14.08
C GLU C 243 22.55 20.91 -15.36
N LYS C 244 21.42 20.29 -15.76
CA LYS C 244 21.31 19.46 -16.97
C LYS C 244 21.07 20.28 -18.26
N GLY C 245 20.88 21.58 -18.11
CA GLY C 245 20.71 22.50 -19.22
C GLY C 245 19.27 22.86 -19.56
N PHE C 246 18.34 22.60 -18.63
CA PHE C 246 16.93 22.87 -18.85
C PHE C 246 16.38 23.89 -17.91
N ASN C 247 15.33 24.59 -18.34
CA ASN C 247 14.56 25.47 -17.48
C ASN C 247 15.36 26.61 -16.81
N LYS C 248 16.04 27.39 -17.67
CA LYS C 248 16.89 28.57 -17.51
C LYS C 248 18.21 28.41 -16.76
N ASN C 249 19.18 27.73 -17.46
CA ASN C 249 20.59 27.44 -17.12
C ASN C 249 21.12 26.28 -17.93
N ASN D 3 -7.45 -3.01 -34.94
CA ASN D 3 -6.24 -3.26 -34.15
C ASN D 3 -5.66 -1.94 -33.67
N THR D 4 -5.38 -1.89 -32.37
CA THR D 4 -4.91 -0.74 -31.60
C THR D 4 -3.57 -0.26 -32.11
N ILE D 5 -2.61 -1.17 -32.26
CA ILE D 5 -1.27 -0.83 -32.74
C ILE D 5 -1.35 -0.27 -34.15
N GLU D 6 -2.21 -0.84 -35.02
CA GLU D 6 -2.41 -0.33 -36.38
C GLU D 6 -2.90 1.11 -36.34
N THR D 7 -3.85 1.41 -35.43
CA THR D 7 -4.39 2.77 -35.25
C THR D 7 -3.28 3.71 -34.79
N ILE D 8 -2.51 3.30 -33.76
CA ILE D 8 -1.39 4.09 -33.23
C ILE D 8 -0.38 4.43 -34.36
N LEU D 9 0.07 3.40 -35.09
CA LEU D 9 1.06 3.59 -36.16
C LEU D 9 0.52 4.35 -37.38
N ASN D 10 -0.82 4.37 -37.58
CA ASN D 10 -1.45 5.07 -38.72
C ASN D 10 -1.60 6.59 -38.48
N HIS D 11 -1.32 7.07 -37.24
CA HIS D 11 -1.51 8.47 -36.90
C HIS D 11 -0.86 9.49 -37.83
N ARG D 12 -1.62 10.55 -38.09
CA ARG D 12 -1.19 11.80 -38.72
C ARG D 12 -2.12 12.86 -38.20
N SER D 13 -1.59 14.08 -38.02
CA SER D 13 -2.37 15.22 -37.56
C SER D 13 -3.39 15.57 -38.65
N ILE D 14 -4.64 15.76 -38.24
CA ILE D 14 -5.71 16.15 -39.15
C ILE D 14 -5.99 17.63 -38.93
N ARG D 15 -5.93 18.44 -40.01
CA ARG D 15 -6.15 19.88 -39.91
C ARG D 15 -7.35 20.36 -40.77
N SER D 16 -8.09 19.41 -41.33
CA SER D 16 -9.26 19.68 -42.16
C SER D 16 -10.40 18.78 -41.70
N PHE D 17 -11.37 19.38 -41.06
CA PHE D 17 -12.53 18.65 -40.51
C PHE D 17 -13.82 19.08 -41.20
N THR D 18 -14.86 18.23 -41.11
CA THR D 18 -16.21 18.57 -41.58
C THR D 18 -16.82 19.44 -40.47
N ASP D 19 -18.02 20.01 -40.73
CA ASP D 19 -18.72 20.82 -39.73
C ASP D 19 -19.49 19.96 -38.70
N GLN D 20 -19.44 18.61 -38.82
CA GLN D 20 -20.14 17.71 -37.91
C GLN D 20 -19.53 17.76 -36.50
N LEU D 21 -20.32 18.25 -35.53
CA LEU D 21 -19.86 18.35 -34.15
C LEU D 21 -19.83 16.97 -33.50
N LEU D 22 -18.98 16.83 -32.46
CA LEU D 22 -18.93 15.59 -31.70
C LEU D 22 -20.21 15.49 -30.89
N THR D 23 -20.71 14.27 -30.69
CA THR D 23 -21.90 14.05 -29.87
C THR D 23 -21.50 14.10 -28.38
N ALA D 24 -22.48 14.25 -27.47
CA ALA D 24 -22.21 14.24 -26.03
C ALA D 24 -21.61 12.89 -25.60
N GLU D 25 -22.05 11.77 -26.24
CA GLU D 25 -21.56 10.42 -25.98
C GLU D 25 -20.08 10.30 -26.41
N GLU D 26 -19.73 10.89 -27.55
CA GLU D 26 -18.33 10.85 -28.05
C GLU D 26 -17.42 11.63 -27.10
N ILE D 27 -17.84 12.85 -26.71
CA ILE D 27 -17.11 13.70 -25.77
C ILE D 27 -16.95 12.96 -24.43
N ASP D 28 -18.03 12.32 -23.95
CA ASP D 28 -17.98 11.55 -22.70
C ASP D 28 -16.93 10.44 -22.78
N THR D 29 -16.95 9.64 -23.87
CA THR D 29 -16.01 8.54 -24.09
C THR D 29 -14.56 9.07 -24.14
N LEU D 30 -14.34 10.19 -24.86
CA LEU D 30 -13.01 10.83 -24.98
C LEU D 30 -12.46 11.28 -23.62
N VAL D 31 -13.32 11.93 -22.80
CA VAL D 31 -12.95 12.40 -21.47
C VAL D 31 -12.61 11.21 -20.55
N LYS D 32 -13.47 10.18 -20.52
CA LYS D 32 -13.23 8.98 -19.71
C LYS D 32 -11.95 8.29 -20.13
N SER D 33 -11.66 8.25 -21.44
CA SER D 33 -10.45 7.65 -21.98
C SER D 33 -9.24 8.41 -21.48
N ALA D 34 -9.30 9.75 -21.55
CA ALA D 34 -8.23 10.63 -21.04
C ALA D 34 -7.98 10.36 -19.54
N GLN D 35 -9.07 10.32 -18.74
CA GLN D 35 -8.95 10.11 -17.28
C GLN D 35 -8.34 8.77 -16.92
N ALA D 36 -8.52 7.73 -17.77
CA ALA D 36 -8.02 6.36 -17.52
C ALA D 36 -6.49 6.24 -17.55
N ALA D 37 -5.79 7.28 -18.04
CA ALA D 37 -4.31 7.24 -18.10
C ALA D 37 -3.73 7.13 -16.68
N SER D 38 -2.51 6.58 -16.57
CA SER D 38 -1.78 6.52 -15.33
C SER D 38 -1.60 7.95 -14.85
N THR D 39 -1.41 8.12 -13.53
CA THR D 39 -1.25 9.45 -12.93
C THR D 39 -0.30 9.34 -11.74
N SER D 40 0.76 10.18 -11.72
CA SER D 40 1.77 10.19 -10.66
C SER D 40 1.13 10.35 -9.30
N SER D 41 1.40 9.40 -8.37
CA SER D 41 0.89 9.40 -6.99
C SER D 41 -0.63 9.60 -6.91
N TYR D 42 -1.39 9.17 -7.96
CA TYR D 42 -2.86 9.27 -8.03
C TYR D 42 -3.38 10.74 -8.03
N VAL D 43 -2.48 11.71 -8.23
CA VAL D 43 -2.81 13.14 -8.11
C VAL D 43 -3.75 13.71 -9.14
N GLN D 44 -3.76 13.12 -10.38
CA GLN D 44 -4.62 13.55 -11.51
C GLN D 44 -4.50 15.09 -11.65
N ALA D 45 -3.26 15.57 -11.80
CA ALA D 45 -2.93 17.01 -11.80
C ALA D 45 -3.23 17.74 -13.11
N TYR D 46 -4.46 17.60 -13.59
CA TYR D 46 -4.89 18.23 -14.82
C TYR D 46 -6.37 18.54 -14.83
N SER D 47 -6.77 19.38 -15.80
CA SER D 47 -8.15 19.71 -16.13
C SER D 47 -8.26 19.80 -17.64
N ILE D 48 -9.45 19.54 -18.15
CA ILE D 48 -9.74 19.55 -19.57
C ILE D 48 -10.90 20.51 -19.78
N ILE D 49 -10.69 21.54 -20.59
CA ILE D 49 -11.75 22.48 -20.89
C ILE D 49 -12.25 22.20 -22.30
N GLY D 50 -13.51 21.80 -22.39
CA GLY D 50 -14.16 21.50 -23.66
C GLY D 50 -14.78 22.76 -24.19
N VAL D 51 -14.22 23.30 -25.28
CA VAL D 51 -14.67 24.56 -25.87
C VAL D 51 -15.58 24.29 -27.06
N SER D 52 -16.88 24.55 -26.90
CA SER D 52 -17.88 24.40 -27.96
C SER D 52 -18.48 25.75 -28.37
N ASP D 53 -18.32 26.80 -27.52
CA ASP D 53 -18.81 28.14 -27.82
C ASP D 53 -18.10 28.69 -29.08
N PRO D 54 -18.87 28.91 -30.20
CA PRO D 54 -18.23 29.40 -31.45
C PRO D 54 -17.37 30.66 -31.28
N GLU D 55 -17.81 31.63 -30.45
CA GLU D 55 -17.02 32.85 -30.22
C GLU D 55 -15.69 32.55 -29.52
N LYS D 56 -15.69 31.64 -28.51
CA LYS D 56 -14.44 31.28 -27.82
C LYS D 56 -13.55 30.47 -28.74
N LYS D 57 -14.14 29.59 -29.60
CA LYS D 57 -13.34 28.81 -30.57
C LYS D 57 -12.63 29.75 -31.55
N ARG D 58 -13.33 30.80 -31.99
CA ARG D 58 -12.78 31.82 -32.88
C ARG D 58 -11.64 32.60 -32.23
N GLU D 59 -11.86 33.09 -31.00
CA GLU D 59 -10.83 33.83 -30.25
C GLU D 59 -9.56 32.97 -30.08
N LEU D 60 -9.74 31.70 -29.68
CA LEU D 60 -8.60 30.78 -29.47
C LEU D 60 -7.86 30.52 -30.78
N SER D 61 -8.59 30.42 -31.92
CA SER D 61 -7.91 30.20 -33.22
C SER D 61 -7.03 31.40 -33.56
N VAL D 62 -7.49 32.62 -33.24
CA VAL D 62 -6.70 33.84 -33.46
C VAL D 62 -5.48 33.82 -32.54
N LEU D 63 -5.69 33.59 -31.23
CA LEU D 63 -4.59 33.54 -30.25
C LEU D 63 -3.54 32.45 -30.55
N ALA D 64 -3.99 31.33 -31.15
CA ALA D 64 -3.11 30.22 -31.54
C ALA D 64 -2.29 30.51 -32.80
N GLY D 65 -2.46 31.70 -33.38
CA GLY D 65 -1.74 32.13 -34.57
C GLY D 65 -2.53 31.94 -35.85
N ASN D 66 -3.87 32.12 -35.79
CA ASN D 66 -4.78 31.96 -36.92
C ASN D 66 -4.75 30.56 -37.51
N GLN D 67 -5.05 29.55 -36.66
CA GLN D 67 -5.10 28.14 -37.04
C GLN D 67 -6.56 27.83 -37.15
N PRO D 68 -7.10 27.73 -38.41
CA PRO D 68 -8.55 27.60 -38.60
C PRO D 68 -9.20 26.36 -38.02
N TYR D 69 -8.42 25.28 -37.91
CA TYR D 69 -8.85 23.98 -37.37
C TYR D 69 -9.05 24.04 -35.83
N VAL D 70 -8.71 25.19 -35.18
CA VAL D 70 -9.00 25.42 -33.76
C VAL D 70 -10.50 25.79 -33.68
N GLU D 71 -11.02 26.50 -34.73
CA GLU D 71 -12.41 26.94 -34.85
C GLU D 71 -13.28 25.89 -35.54
N LYS D 72 -12.83 25.41 -36.72
CA LYS D 72 -13.56 24.44 -37.52
C LYS D 72 -13.15 23.02 -37.20
N ASN D 73 -13.88 22.38 -36.29
CA ASN D 73 -13.65 21.01 -35.82
C ASN D 73 -14.95 20.49 -35.13
N GLY D 74 -14.93 19.27 -34.62
CA GLY D 74 -16.06 18.68 -33.92
C GLY D 74 -16.18 19.12 -32.48
N HIS D 75 -15.03 19.52 -31.87
CA HIS D 75 -14.89 20.00 -30.49
C HIS D 75 -13.44 20.42 -30.28
N PHE D 76 -13.22 21.42 -29.44
CA PHE D 76 -11.87 21.86 -29.12
C PHE D 76 -11.62 21.69 -27.61
N PHE D 77 -10.68 20.79 -27.27
CA PHE D 77 -10.32 20.52 -25.89
C PHE D 77 -9.06 21.29 -25.51
N VAL D 78 -9.03 21.87 -24.31
CA VAL D 78 -7.81 22.53 -23.84
C VAL D 78 -7.32 21.76 -22.61
N PHE D 79 -6.10 21.20 -22.69
CA PHE D 79 -5.50 20.48 -21.59
C PHE D 79 -4.71 21.43 -20.73
N CYS D 80 -4.99 21.39 -19.42
CA CYS D 80 -4.32 22.27 -18.45
C CYS D 80 -3.60 21.48 -17.40
N ALA D 81 -2.44 21.99 -16.95
CA ALA D 81 -1.77 21.53 -15.73
C ALA D 81 -2.67 22.13 -14.65
N ASP D 82 -3.05 21.34 -13.64
CA ASP D 82 -3.96 21.84 -12.61
C ASP D 82 -3.49 21.42 -11.22
N LEU D 83 -3.00 22.40 -10.44
CA LEU D 83 -2.62 22.23 -9.04
C LEU D 83 -3.54 23.08 -8.15
N TYR D 84 -4.55 23.72 -8.77
CA TYR D 84 -5.56 24.53 -8.07
C TYR D 84 -6.43 23.64 -7.21
N ARG D 85 -6.84 22.47 -7.77
CA ARG D 85 -7.62 21.44 -7.08
C ARG D 85 -6.93 21.06 -5.75
N HIS D 86 -5.62 20.84 -5.82
CA HIS D 86 -4.75 20.44 -4.71
C HIS D 86 -4.58 21.58 -3.69
N GLN D 87 -4.39 22.82 -4.19
CA GLN D 87 -4.27 24.01 -3.34
C GLN D 87 -5.56 24.21 -2.54
N GLN D 88 -6.72 24.09 -3.21
CA GLN D 88 -8.04 24.26 -2.59
C GLN D 88 -8.35 23.19 -1.54
N LEU D 89 -7.99 21.94 -1.81
CA LEU D 89 -8.17 20.84 -0.86
C LEU D 89 -7.28 21.09 0.37
N ALA D 90 -6.01 21.53 0.15
CA ALA D 90 -5.06 21.84 1.22
C ALA D 90 -5.60 22.96 2.11
N GLU D 91 -6.08 24.07 1.49
CA GLU D 91 -6.66 25.23 2.19
C GLU D 91 -7.81 24.80 3.09
N GLU D 92 -8.73 23.99 2.54
CA GLU D 92 -9.90 23.46 3.24
C GLU D 92 -9.54 22.57 4.44
N LYS D 93 -8.33 21.99 4.45
CA LYS D 93 -7.85 21.10 5.51
C LYS D 93 -6.93 21.77 6.53
N GLY D 94 -6.58 23.03 6.28
CA GLY D 94 -5.65 23.80 7.12
C GLY D 94 -4.21 23.42 6.89
N GLU D 95 -3.92 22.76 5.75
CA GLU D 95 -2.57 22.34 5.38
C GLU D 95 -1.90 23.37 4.48
N HIS D 96 -0.56 23.44 4.52
CA HIS D 96 0.22 24.35 3.69
C HIS D 96 1.17 23.58 2.78
N ILE D 97 0.95 23.70 1.47
CA ILE D 97 1.73 23.03 0.41
C ILE D 97 2.01 23.98 -0.77
N SER D 98 1.62 25.29 -0.64
CA SER D 98 1.79 26.31 -1.68
C SER D 98 3.20 26.40 -2.26
N GLU D 99 4.23 26.11 -1.44
CA GLU D 99 5.64 26.14 -1.80
C GLU D 99 6.00 24.99 -2.73
N LEU D 100 5.57 23.75 -2.39
CA LEU D 100 5.86 22.57 -3.22
C LEU D 100 5.04 22.55 -4.51
N LEU D 101 3.88 23.22 -4.50
CA LEU D 101 3.03 23.37 -5.68
C LEU D 101 3.70 24.28 -6.72
N GLU D 102 4.66 25.10 -6.26
CA GLU D 102 5.44 26.04 -7.07
C GLU D 102 6.82 25.50 -7.47
N ASN D 103 7.18 24.27 -7.02
CA ASN D 103 8.46 23.60 -7.32
C ASN D 103 8.49 23.04 -8.75
N THR D 104 9.70 22.72 -9.26
CA THR D 104 9.92 22.12 -10.57
C THR D 104 9.29 20.71 -10.61
N GLU D 105 9.45 19.92 -9.52
CA GLU D 105 8.90 18.56 -9.41
C GLU D 105 7.39 18.54 -9.72
N PHE D 107 5.63 20.86 -11.23
CA PHE D 107 5.42 21.38 -12.59
C PHE D 107 5.59 20.19 -13.59
N VAL D 109 5.28 16.94 -12.81
CA VAL D 109 4.18 16.02 -12.52
C VAL D 109 2.89 16.42 -13.28
N SER D 110 2.51 17.72 -13.20
CA SER D 110 1.31 18.30 -13.83
C SER D 110 1.35 18.19 -15.34
N LEU D 111 2.49 18.54 -15.94
CA LEU D 111 2.65 18.49 -17.40
C LEU D 111 2.56 17.05 -17.92
N ILE D 112 3.24 16.11 -17.24
CA ILE D 112 3.24 14.70 -17.65
C ILE D 112 1.83 14.12 -17.50
N ASP D 113 1.16 14.38 -16.36
CA ASP D 113 -0.21 13.87 -16.13
C ASP D 113 -1.16 14.32 -17.25
N ALA D 114 -1.12 15.63 -17.59
CA ALA D 114 -1.98 16.19 -18.63
C ALA D 114 -1.67 15.58 -19.99
N ALA D 115 -0.38 15.41 -20.32
CA ALA D 115 0.03 14.85 -21.62
C ALA D 115 -0.40 13.36 -21.75
N LEU D 116 -0.23 12.54 -20.70
CA LEU D 116 -0.68 11.14 -20.78
C LEU D 116 -2.19 11.07 -21.02
N ALA D 117 -2.96 11.94 -20.35
CA ALA D 117 -4.42 12.04 -20.50
C ALA D 117 -4.75 12.40 -21.97
N ALA D 118 -4.05 13.43 -22.52
CA ALA D 118 -4.28 13.88 -23.89
C ALA D 118 -4.01 12.80 -24.93
N GLN D 119 -2.92 12.06 -24.74
CA GLN D 119 -2.59 10.99 -25.70
C GLN D 119 -3.59 9.81 -25.64
N ASN D 120 -4.16 9.54 -24.47
CA ASN D 120 -5.23 8.54 -24.36
C ASN D 120 -6.46 9.04 -25.15
N SER D 122 -6.39 11.14 -27.67
CA SER D 122 -6.02 11.11 -29.09
C SER D 122 -6.22 9.70 -29.68
N ILE D 123 -5.71 8.67 -28.98
CA ILE D 123 -5.85 7.27 -29.43
C ILE D 123 -7.31 6.85 -29.47
N ALA D 124 -8.07 7.21 -28.43
CA ALA D 124 -9.50 6.90 -28.39
C ALA D 124 -10.20 7.55 -29.61
N ALA D 125 -9.92 8.84 -29.89
CA ALA D 125 -10.54 9.55 -31.02
C ALA D 125 -10.19 8.90 -32.36
N GLU D 126 -8.89 8.60 -32.56
CA GLU D 126 -8.41 7.96 -33.77
C GLU D 126 -9.00 6.57 -33.98
N SER D 127 -9.21 5.81 -32.90
CA SER D 127 -9.81 4.46 -33.00
C SER D 127 -11.29 4.53 -33.48
N GLY D 129 -12.31 6.62 -35.74
CA GLY D 129 -12.24 7.17 -37.09
C GLY D 129 -12.21 8.68 -37.08
N LEU D 130 -12.04 9.31 -35.90
CA LEU D 130 -11.95 10.77 -35.83
C LEU D 130 -10.49 11.18 -36.05
N GLY D 131 -10.29 12.45 -36.40
CA GLY D 131 -8.97 13.02 -36.59
C GLY D 131 -8.66 13.96 -35.43
N ILE D 132 -7.36 14.13 -35.13
CA ILE D 132 -6.92 15.01 -34.05
C ILE D 132 -5.75 15.87 -34.49
N CYS D 133 -5.58 17.02 -33.83
CA CYS D 133 -4.40 17.86 -33.99
C CYS D 133 -4.14 18.58 -32.67
N TYR D 134 -2.94 18.37 -32.11
CA TYR D 134 -2.54 19.08 -30.88
C TYR D 134 -2.27 20.54 -31.29
N ILE D 135 -2.57 21.49 -30.39
CA ILE D 135 -2.42 22.92 -30.64
C ILE D 135 -1.63 23.59 -29.51
N GLY D 136 -0.32 23.61 -29.66
CA GLY D 136 0.60 24.26 -28.74
C GLY D 136 0.63 25.75 -29.00
N GLY D 137 0.08 26.19 -30.15
CA GLY D 137 -0.04 27.58 -30.58
C GLY D 137 -0.71 28.49 -29.57
N ILE D 138 -1.60 27.94 -28.70
CA ILE D 138 -2.23 28.71 -27.63
C ILE D 138 -1.15 29.32 -26.67
N ARG D 139 0.05 28.72 -26.61
CA ARG D 139 1.17 29.23 -25.79
C ARG D 139 1.82 30.52 -26.34
N ASN D 140 1.39 31.01 -27.53
CA ASN D 140 1.88 32.27 -28.10
C ASN D 140 1.39 33.45 -27.25
N GLU D 141 0.17 33.34 -26.71
CA GLU D 141 -0.46 34.40 -25.93
C GLU D 141 -1.24 33.77 -24.77
N LEU D 142 -0.51 33.07 -23.90
CA LEU D 142 -1.09 32.35 -22.76
C LEU D 142 -1.93 33.22 -21.81
N ASP D 143 -1.58 34.53 -21.63
CA ASP D 143 -2.39 35.44 -20.81
C ASP D 143 -3.79 35.64 -21.37
N LYS D 144 -3.92 35.91 -22.67
CA LYS D 144 -5.23 36.09 -23.29
C LYS D 144 -6.01 34.78 -23.32
N VAL D 145 -5.30 33.64 -23.53
CA VAL D 145 -5.93 32.32 -23.50
C VAL D 145 -6.53 32.06 -22.09
N THR D 146 -5.79 32.42 -21.02
CA THR D 146 -6.30 32.24 -19.63
C THR D 146 -7.56 33.06 -19.38
N GLU D 147 -7.67 34.25 -20.05
CA GLU D 147 -8.84 35.13 -19.97
C GLU D 147 -10.04 34.55 -20.70
N VAL D 148 -9.84 33.95 -21.90
CA VAL D 148 -10.92 33.32 -22.66
C VAL D 148 -11.49 32.12 -21.83
N LEU D 149 -10.60 31.32 -21.25
CA LEU D 149 -10.96 30.11 -20.49
C LEU D 149 -11.29 30.37 -19.00
N GLN D 150 -10.99 31.60 -18.51
CA GLN D 150 -11.21 32.02 -17.13
C GLN D 150 -10.56 31.05 -16.14
N THR D 151 -9.32 30.62 -16.44
CA THR D 151 -8.62 29.67 -15.56
C THR D 151 -8.07 30.39 -14.33
N PRO D 152 -8.20 29.79 -13.13
CA PRO D 152 -7.70 30.48 -11.91
C PRO D 152 -6.18 30.32 -11.75
N ASP D 153 -5.63 30.79 -10.60
CA ASP D 153 -4.23 30.60 -10.33
C ASP D 153 -3.96 29.11 -10.12
N HIS D 154 -2.72 28.64 -10.41
CA HIS D 154 -2.31 27.23 -10.31
C HIS D 154 -2.93 26.34 -11.40
N VAL D 155 -3.44 26.97 -12.46
CA VAL D 155 -3.99 26.31 -13.64
C VAL D 155 -3.23 26.88 -14.85
N LEU D 156 -2.59 26.01 -15.62
CA LEU D 156 -1.83 26.46 -16.78
C LEU D 156 -2.27 25.74 -18.06
N PRO D 157 -2.91 26.46 -19.02
CA PRO D 157 -3.24 25.82 -20.31
C PRO D 157 -1.93 25.44 -21.00
N LEU D 158 -1.84 24.20 -21.50
CA LEU D 158 -0.62 23.68 -22.11
C LEU D 158 -0.74 23.61 -23.62
N PHE D 159 -1.85 23.03 -24.10
CA PHE D 159 -2.12 22.88 -25.52
C PHE D 159 -3.59 22.55 -25.69
N GLY D 160 -4.09 22.83 -26.87
CA GLY D 160 -5.42 22.45 -27.27
C GLY D 160 -5.34 21.11 -28.00
N LEU D 161 -6.49 20.50 -28.21
CA LEU D 161 -6.62 19.29 -28.99
C LEU D 161 -7.87 19.44 -29.82
N ALA D 162 -7.70 19.67 -31.13
CA ALA D 162 -8.79 19.80 -32.10
C ALA D 162 -9.18 18.39 -32.46
N VAL D 163 -10.48 18.05 -32.34
CA VAL D 163 -10.98 16.70 -32.63
C VAL D 163 -12.18 16.85 -33.59
N GLY D 164 -12.29 15.98 -34.56
CA GLY D 164 -13.41 16.03 -35.50
C GLY D 164 -13.41 14.96 -36.54
N HIS D 165 -14.42 15.02 -37.45
CA HIS D 165 -14.56 14.09 -38.57
C HIS D 165 -13.65 14.61 -39.65
N PRO D 166 -12.63 13.84 -40.11
CA PRO D 166 -11.74 14.39 -41.14
C PRO D 166 -12.43 14.62 -42.49
N ALA D 167 -12.13 15.77 -43.11
CA ALA D 167 -12.61 16.14 -44.45
C ALA D 167 -11.53 15.75 -45.46
N ASN D 168 -10.27 15.62 -44.98
CA ASN D 168 -9.10 15.23 -45.78
C ASN D 168 -8.18 14.44 -44.83
N LEU D 169 -7.68 13.30 -45.28
CA LEU D 169 -6.87 12.41 -44.45
C LEU D 169 -5.38 12.75 -44.38
N SER D 170 -4.92 13.70 -45.21
CA SER D 170 -3.50 14.11 -45.24
C SER D 170 -2.58 12.86 -45.45
N GLY D 171 -1.42 12.84 -44.84
CA GLY D 171 -0.48 11.73 -44.98
C GLY D 171 0.47 11.64 -43.79
N LYS D 172 1.06 10.47 -43.59
CA LYS D 172 2.01 10.24 -42.50
C LYS D 172 3.35 10.95 -42.73
N LYS D 173 3.97 11.42 -41.62
CA LYS D 173 5.27 12.09 -41.64
C LYS D 173 6.29 11.13 -41.07
N PRO D 174 7.41 10.85 -41.79
CA PRO D 174 8.40 9.91 -41.24
C PRO D 174 9.01 10.35 -39.91
N ARG D 175 9.25 9.37 -39.04
CA ARG D 175 9.86 9.63 -37.74
C ARG D 175 11.36 9.31 -37.82
N LEU D 176 12.12 9.85 -36.85
CA LEU D 176 13.55 9.59 -36.71
C LEU D 176 13.83 8.08 -36.79
N PRO D 177 14.97 7.65 -37.37
CA PRO D 177 15.32 6.22 -37.33
C PRO D 177 15.33 5.75 -35.87
N LYS D 178 14.91 4.52 -35.64
CA LYS D 178 14.82 3.91 -34.31
C LYS D 178 16.08 4.13 -33.47
N GLN D 179 17.28 3.92 -34.05
CA GLN D 179 18.61 4.10 -33.41
C GLN D 179 18.86 5.51 -32.92
N ALA D 180 18.19 6.52 -33.47
CA ALA D 180 18.38 7.89 -32.99
C ALA D 180 17.65 8.09 -31.65
N VAL D 181 16.49 7.44 -31.48
CA VAL D 181 15.64 7.64 -30.31
C VAL D 181 15.82 6.57 -29.23
N TYR D 182 16.01 5.32 -29.64
CA TYR D 182 16.10 4.18 -28.74
C TYR D 182 17.56 3.77 -28.50
N HIS D 183 17.97 3.64 -27.24
CA HIS D 183 19.35 3.33 -26.83
C HIS D 183 19.33 2.09 -25.92
N GLU D 184 20.21 1.13 -26.18
CA GLU D 184 20.25 -0.08 -25.36
C GLU D 184 21.16 0.09 -24.18
N ASN D 185 20.59 0.02 -22.98
CA ASN D 185 21.25 0.12 -21.67
C ASN D 185 21.81 1.48 -21.27
N THR D 186 22.50 2.14 -22.20
CA THR D 186 23.08 3.45 -21.97
C THR D 186 22.79 4.31 -23.18
N TYR D 187 22.80 5.64 -23.00
CA TYR D 187 22.60 6.62 -24.07
C TYR D 187 23.82 6.54 -25.01
N ASN D 188 23.56 6.45 -26.33
CA ASN D 188 24.65 6.36 -27.31
C ASN D 188 25.10 7.75 -27.71
N VAL D 189 26.35 8.11 -27.32
CA VAL D 189 26.95 9.42 -27.60
C VAL D 189 27.94 9.40 -28.78
N ASN D 190 28.08 8.23 -29.45
CA ASN D 190 29.00 8.08 -30.57
C ASN D 190 28.64 9.04 -31.73
N THR D 191 29.58 9.96 -32.04
CA THR D 191 29.42 10.99 -33.08
C THR D 191 29.19 10.43 -34.48
N ASP D 192 29.94 9.37 -34.86
CA ASP D 192 29.77 8.73 -36.17
C ASP D 192 28.37 8.16 -36.32
N ASP D 193 27.87 7.49 -35.27
CA ASP D 193 26.52 6.90 -35.25
C ASP D 193 25.47 8.00 -35.40
N PHE D 194 25.65 9.11 -34.66
CA PHE D 194 24.75 10.27 -34.69
C PHE D 194 24.69 10.87 -36.09
N ARG D 195 25.86 11.14 -36.71
CA ARG D 195 25.95 11.74 -38.04
C ARG D 195 25.34 10.88 -39.11
N HIS D 196 25.55 9.56 -39.05
CA HIS D 196 25.00 8.60 -40.02
C HIS D 196 23.46 8.57 -39.94
N THR D 197 22.90 8.54 -38.72
CA THR D 197 21.45 8.48 -38.54
C THR D 197 20.80 9.81 -38.94
N ASN D 199 22.06 12.09 -41.05
CA ASN D 199 22.21 12.26 -42.50
C ASN D 199 21.14 11.47 -43.23
N THR D 200 20.89 10.23 -42.79
CA THR D 200 19.87 9.36 -43.37
C THR D 200 18.50 10.02 -43.23
N TYR D 201 18.17 10.49 -42.01
CA TYR D 201 16.90 11.15 -41.74
C TYR D 201 16.72 12.43 -42.55
N ASP D 202 17.77 13.29 -42.62
CA ASP D 202 17.72 14.55 -43.39
C ASP D 202 17.44 14.30 -44.87
N LYS D 203 17.98 13.19 -45.42
CA LYS D 203 17.75 12.80 -46.82
C LYS D 203 16.30 12.30 -46.97
N THR D 204 15.81 11.46 -46.02
CA THR D 204 14.41 10.97 -46.01
C THR D 204 13.44 12.15 -46.04
N ILE D 205 13.67 13.15 -45.17
CA ILE D 205 12.81 14.33 -45.04
C ILE D 205 12.89 15.26 -46.26
N SER D 206 14.12 15.58 -46.70
CA SER D 206 14.30 16.42 -47.89
C SER D 206 13.62 15.75 -49.11
N ASP D 207 13.81 14.43 -49.30
CA ASP D 207 13.15 13.67 -50.37
C ASP D 207 11.62 13.71 -50.21
N TYR D 208 11.13 13.56 -48.95
CA TYR D 208 9.70 13.58 -48.65
C TYR D 208 9.07 14.89 -49.12
N TYR D 209 9.74 16.03 -48.86
CA TYR D 209 9.25 17.35 -49.29
C TYR D 209 9.40 17.58 -50.81
N ARG D 210 10.50 17.11 -51.41
CA ARG D 210 10.75 17.25 -52.86
C ARG D 210 9.74 16.52 -53.71
N GLU D 211 9.33 15.32 -53.26
CA GLU D 211 8.38 14.47 -53.95
C GLU D 211 6.98 15.07 -54.07
N ARG D 212 6.60 15.96 -53.14
CA ARG D 212 5.27 16.57 -53.15
C ARG D 212 5.22 17.96 -53.81
N THR D 213 6.39 18.53 -54.11
CA THR D 213 6.49 19.92 -54.59
C THR D 213 7.32 20.04 -55.88
N ASN D 214 7.38 18.99 -56.72
CA ASN D 214 8.20 18.96 -57.94
C ASN D 214 9.65 19.36 -57.69
N GLY D 215 10.17 18.86 -56.56
CA GLY D 215 11.53 19.08 -56.09
C GLY D 215 11.84 20.46 -55.56
N LYS D 216 10.82 21.33 -55.39
CA LYS D 216 11.07 22.71 -54.96
CA LYS D 216 11.06 22.73 -54.94
C LYS D 216 11.19 22.96 -53.45
N ARG D 217 10.46 22.18 -52.63
CA ARG D 217 10.62 22.35 -51.18
C ARG D 217 11.64 21.26 -50.84
N GLU D 218 12.84 21.65 -50.44
CA GLU D 218 13.86 20.62 -50.22
C GLU D 218 14.56 20.65 -48.87
N GLU D 219 14.02 21.41 -47.91
CA GLU D 219 14.60 21.52 -46.58
C GLU D 219 14.73 20.16 -45.87
N THR D 220 15.84 20.01 -45.12
CA THR D 220 16.11 18.82 -44.34
C THR D 220 15.40 19.01 -42.99
N TRP D 221 15.29 17.94 -42.19
CA TRP D 221 14.68 18.03 -40.87
C TRP D 221 15.49 18.95 -39.95
N SER D 222 16.83 18.73 -39.88
CA SER D 222 17.71 19.49 -39.00
C SER D 222 17.64 20.99 -39.28
N ASP D 223 17.55 21.40 -40.56
CA ASP D 223 17.39 22.81 -40.91
C ASP D 223 16.03 23.35 -40.50
N GLN D 224 14.95 22.57 -40.73
CA GLN D 224 13.58 22.95 -40.37
C GLN D 224 13.43 23.12 -38.85
N ILE D 225 13.84 22.12 -38.05
CA ILE D 225 13.66 22.19 -36.60
C ILE D 225 14.40 23.32 -35.91
N LEU D 226 15.62 23.61 -36.39
CA LEU D 226 16.45 24.69 -35.87
C LEU D 226 15.83 26.06 -36.21
N ASN D 227 15.21 26.19 -37.40
CA ASN D 227 14.50 27.37 -37.85
C ASN D 227 13.21 27.58 -37.05
N PHE D 228 12.49 26.48 -36.73
CA PHE D 228 11.25 26.50 -35.95
C PHE D 228 11.50 27.02 -34.54
N LYS D 230 14.20 29.04 -33.56
CA LYS D 230 14.63 30.44 -33.73
C LYS D 230 13.40 31.37 -33.74
N GLN D 231 12.41 31.02 -34.56
CA GLN D 231 11.14 31.72 -34.68
C GLN D 231 10.31 31.25 -33.47
N LYS D 232 9.36 32.06 -33.00
CA LYS D 232 8.54 31.75 -31.82
C LYS D 232 9.29 31.08 -30.61
N PRO D 233 10.31 31.74 -29.99
CA PRO D 233 10.97 31.11 -28.83
C PRO D 233 10.10 31.06 -27.58
N ARG D 234 9.12 32.00 -27.45
CA ARG D 234 8.18 32.14 -26.32
C ARG D 234 8.93 32.34 -24.98
N THR D 235 9.93 33.24 -25.00
CA THR D 235 10.77 33.58 -23.83
C THR D 235 9.96 34.12 -22.64
N TYR D 236 8.86 34.85 -22.92
CA TYR D 236 7.94 35.43 -21.92
C TYR D 236 7.40 34.37 -20.95
N LEU D 237 7.34 33.08 -21.39
CA LEU D 237 6.84 31.99 -20.56
C LEU D 237 7.69 31.74 -19.32
N ASN D 238 8.99 32.11 -19.35
CA ASN D 238 9.90 31.97 -18.19
C ASN D 238 9.27 32.69 -16.99
N ASP D 239 8.76 33.90 -17.21
CA ASP D 239 8.11 34.71 -16.18
C ASP D 239 6.63 34.46 -16.09
N TYR D 240 5.93 34.27 -17.23
CA TYR D 240 4.48 34.04 -17.23
C TYR D 240 4.05 32.79 -16.45
N VAL D 241 4.75 31.64 -16.61
CA VAL D 241 4.38 30.43 -15.86
C VAL D 241 4.47 30.68 -14.33
N LYS D 242 5.48 31.46 -13.87
CA LYS D 242 5.69 31.86 -12.46
C LYS D 242 4.53 32.73 -11.97
N GLU D 243 4.00 33.61 -12.84
CA GLU D 243 2.85 34.48 -12.57
C GLU D 243 1.61 33.63 -12.28
N LYS D 244 1.51 32.44 -12.89
CA LYS D 244 0.39 31.52 -12.69
C LYS D 244 0.60 30.55 -11.51
N GLY D 245 1.73 30.67 -10.82
CA GLY D 245 2.08 29.88 -9.65
C GLY D 245 2.85 28.60 -9.91
N PHE D 246 3.47 28.46 -11.07
CA PHE D 246 4.25 27.27 -11.39
C PHE D 246 5.71 27.58 -11.56
N ASN D 247 6.57 26.56 -11.30
CA ASN D 247 8.01 26.60 -11.56
C ASN D 247 8.70 27.89 -11.01
N LYS D 248 8.30 28.35 -9.80
CA LYS D 248 8.80 29.60 -9.20
C LYS D 248 10.30 29.68 -8.95
N ASN D 249 10.95 28.54 -8.63
CA ASN D 249 12.41 28.48 -8.46
C ASN D 249 12.95 27.09 -8.76
#